data_4KJS
#
_entry.id   4KJS
#
_cell.length_a   168.505
_cell.length_b   168.505
_cell.length_c   94.169
_cell.angle_alpha   90.00
_cell.angle_beta   90.00
_cell.angle_gamma   120.00
#
_symmetry.space_group_name_H-M   'H 3'
#
loop_
_entity.id
_entity.type
_entity.pdbx_description
1 polymer 'cation exchanger YfkE'
2 water water
#
_entity_poly.entity_id   1
_entity_poly.type   'polypeptide(L)'
_entity_poly.pdbx_seq_one_letter_code
;MNRIFFILVAAGVPLSVIGSLMHWPSAVLFAVYCVTIIALASYMGRATESLSIIAGPRIGGLLNATFGNAVELIISMFAL
KEGLTGIVLASLTGSVLGNLLLVAGLSFFVGGLKYARQEFNIHDARHNSGLLIFAIIVAFVIPEVFSVGMGNASKLNLSI
GISIIMILLYVAALYFKLVTHRGVYQPNNAAQTEEEEEPEWSGKVATIVLFAATIVVAYISENLVHTFHSVAEQFGWSEL
FIGVIIVAIVGNAAEHASAIIMAFKNKMDIAVEIAVGSTLQIAMFVAPVLVICSIFFPTSMPLVFTLPELVAMVSAVLLM
IAISNDGDSNWFEGATLLAAYVIMAIGFFLL
;
_entity_poly.pdbx_strand_id   A,B
#
# COMPACT_ATOMS: atom_id res chain seq x y z
N ILE A 4 -20.97 -33.50 -12.56
CA ILE A 4 -21.00 -32.04 -12.27
C ILE A 4 -19.59 -31.43 -12.25
N PHE A 5 -18.64 -32.18 -11.68
CA PHE A 5 -17.24 -31.75 -11.58
C PHE A 5 -16.55 -31.61 -12.94
N PHE A 6 -16.82 -32.54 -13.85
CA PHE A 6 -16.26 -32.50 -15.20
C PHE A 6 -16.86 -31.37 -16.05
N ILE A 7 -18.17 -31.16 -15.89
CA ILE A 7 -18.90 -30.16 -16.69
C ILE A 7 -18.40 -28.74 -16.43
N LEU A 8 -18.19 -28.41 -15.15
CA LEU A 8 -17.75 -27.08 -14.75
C LEU A 8 -16.33 -26.73 -15.20
N VAL A 9 -15.50 -27.75 -15.40
CA VAL A 9 -14.17 -27.55 -16.00
C VAL A 9 -14.27 -27.45 -17.52
N ALA A 10 -14.97 -28.41 -18.13
CA ALA A 10 -15.11 -28.50 -19.59
C ALA A 10 -15.79 -27.27 -20.20
N ALA A 11 -16.72 -26.67 -19.46
CA ALA A 11 -17.35 -25.42 -19.88
C ALA A 11 -16.51 -24.22 -19.49
N GLY A 12 -15.87 -24.32 -18.31
CA GLY A 12 -15.14 -23.23 -17.70
C GLY A 12 -13.99 -22.65 -18.50
N VAL A 13 -13.04 -23.50 -18.86
CA VAL A 13 -11.83 -23.06 -19.57
C VAL A 13 -12.13 -22.43 -20.93
N PRO A 14 -12.82 -23.16 -21.84
CA PRO A 14 -13.25 -22.55 -23.11
C PRO A 14 -13.90 -21.18 -22.94
N LEU A 15 -14.96 -21.09 -22.14
CA LEU A 15 -15.65 -19.82 -21.87
C LEU A 15 -14.68 -18.75 -21.39
N SER A 16 -13.79 -19.13 -20.48
CA SER A 16 -12.81 -18.23 -19.89
C SER A 16 -11.76 -17.75 -20.91
N VAL A 17 -11.49 -18.58 -21.91
CA VAL A 17 -10.60 -18.22 -23.02
C VAL A 17 -11.28 -17.22 -23.97
N ILE A 18 -12.48 -17.57 -24.42
CA ILE A 18 -13.23 -16.75 -25.39
C ILE A 18 -13.59 -15.38 -24.82
N GLY A 19 -14.06 -15.35 -23.58
CA GLY A 19 -14.41 -14.10 -22.90
C GLY A 19 -13.22 -13.18 -22.73
N SER A 20 -12.07 -13.77 -22.39
CA SER A 20 -10.82 -13.04 -22.24
C SER A 20 -10.33 -12.44 -23.56
N LEU A 21 -10.43 -13.22 -24.63
CA LEU A 21 -10.05 -12.76 -25.98
C LEU A 21 -10.98 -11.67 -26.50
N MET A 22 -12.29 -11.90 -26.40
CA MET A 22 -13.30 -10.95 -26.89
C MET A 22 -13.31 -9.64 -26.09
N HIS A 23 -12.85 -9.70 -24.84
CA HIS A 23 -12.85 -8.55 -23.92
C HIS A 23 -14.25 -8.03 -23.71
N TRP A 24 -15.19 -8.94 -23.47
CA TRP A 24 -16.60 -8.59 -23.34
C TRP A 24 -17.32 -9.50 -22.38
N PRO A 25 -17.87 -8.94 -21.29
CA PRO A 25 -17.56 -7.63 -20.73
C PRO A 25 -16.78 -7.75 -19.42
N SER A 26 -16.41 -6.60 -18.84
CA SER A 26 -15.65 -6.56 -17.59
C SER A 26 -16.38 -7.24 -16.42
N ALA A 27 -17.71 -7.20 -16.46
CA ALA A 27 -18.55 -7.72 -15.37
C ALA A 27 -18.67 -9.25 -15.37
N VAL A 28 -19.11 -9.81 -16.49
CA VAL A 28 -19.39 -11.25 -16.61
C VAL A 28 -18.11 -12.09 -16.59
N LEU A 29 -17.01 -11.52 -17.05
CA LEU A 29 -15.69 -12.19 -16.99
C LEU A 29 -15.35 -12.69 -15.60
N PHE A 30 -15.67 -11.88 -14.58
CA PHE A 30 -15.53 -12.24 -13.17
C PHE A 30 -16.30 -13.52 -12.87
N ALA A 31 -17.59 -13.52 -13.22
CA ALA A 31 -18.47 -14.66 -12.97
C ALA A 31 -17.97 -15.95 -13.65
N VAL A 32 -17.42 -15.79 -14.86
CA VAL A 32 -16.89 -16.92 -15.62
C VAL A 32 -15.62 -17.48 -14.96
N TYR A 33 -14.71 -16.58 -14.57
CA TYR A 33 -13.46 -16.96 -13.92
C TYR A 33 -13.68 -17.74 -12.62
N CYS A 34 -14.50 -17.18 -11.72
CA CYS A 34 -14.71 -17.73 -10.38
C CYS A 34 -15.25 -19.16 -10.39
N VAL A 35 -16.25 -19.40 -11.22
CA VAL A 35 -16.90 -20.72 -11.33
C VAL A 35 -15.90 -21.75 -11.88
N THR A 36 -15.12 -21.32 -12.87
CA THR A 36 -14.09 -22.17 -13.49
C THR A 36 -13.08 -22.66 -12.46
N ILE A 37 -12.50 -21.73 -11.70
CA ILE A 37 -11.48 -22.05 -10.70
C ILE A 37 -12.00 -22.94 -9.57
N ILE A 38 -13.26 -22.77 -9.18
CA ILE A 38 -13.91 -23.69 -8.21
C ILE A 38 -13.67 -25.13 -8.63
N ALA A 39 -14.09 -25.45 -9.85
CA ALA A 39 -13.95 -26.79 -10.41
C ALA A 39 -12.48 -27.23 -10.47
N LEU A 40 -11.62 -26.35 -10.97
CA LEU A 40 -10.18 -26.61 -11.05
C LEU A 40 -9.53 -26.86 -9.69
N ALA A 41 -10.01 -26.17 -8.66
CA ALA A 41 -9.45 -26.25 -7.30
C ALA A 41 -9.70 -27.59 -6.61
N SER A 42 -10.90 -28.16 -6.78
CA SER A 42 -11.22 -29.49 -6.25
C SER A 42 -10.30 -30.53 -6.87
N TYR A 43 -10.15 -30.49 -8.19
CA TYR A 43 -9.23 -31.36 -8.92
C TYR A 43 -7.79 -31.13 -8.49
N MET A 44 -7.48 -29.91 -8.09
CA MET A 44 -6.16 -29.54 -7.58
C MET A 44 -5.94 -30.09 -6.17
N GLY A 45 -7.03 -30.22 -5.42
CA GLY A 45 -7.00 -30.79 -4.07
C GLY A 45 -6.94 -32.30 -4.11
N ARG A 46 -7.68 -32.91 -5.05
CA ARG A 46 -7.69 -34.36 -5.24
C ARG A 46 -6.32 -34.89 -5.68
N ALA A 47 -5.67 -34.14 -6.57
CA ALA A 47 -4.33 -34.48 -7.05
C ALA A 47 -3.30 -34.36 -5.94
N THR A 48 -3.43 -33.31 -5.13
CA THR A 48 -2.56 -33.09 -3.98
C THR A 48 -2.75 -34.20 -2.95
N GLU A 49 -4.00 -34.59 -2.74
CA GLU A 49 -4.34 -35.66 -1.81
C GLU A 49 -3.81 -37.00 -2.29
N SER A 50 -4.13 -37.36 -3.54
CA SER A 50 -3.72 -38.63 -4.14
C SER A 50 -2.20 -38.79 -4.22
N LEU A 51 -1.49 -37.68 -4.43
CA LEU A 51 -0.02 -37.66 -4.44
C LEU A 51 0.52 -37.93 -3.03
N SER A 52 -0.19 -37.42 -2.02
CA SER A 52 0.24 -37.55 -0.62
C SER A 52 -0.14 -38.89 -0.01
N ILE A 53 -1.20 -39.53 -0.51
CA ILE A 53 -1.63 -40.84 -0.04
C ILE A 53 -0.79 -41.95 -0.69
N ARG A 58 7.03 -37.61 4.38
CA ARG A 58 7.95 -36.55 4.78
C ARG A 58 7.85 -35.35 3.84
N ILE A 59 8.00 -35.61 2.54
CA ILE A 59 7.84 -34.59 1.51
C ILE A 59 6.35 -34.36 1.23
N GLY A 60 5.54 -35.36 1.58
CA GLY A 60 4.08 -35.28 1.42
C GLY A 60 3.45 -34.08 2.09
N GLY A 61 4.01 -33.68 3.24
CA GLY A 61 3.54 -32.52 3.98
C GLY A 61 3.85 -31.20 3.29
N LEU A 62 4.95 -31.17 2.53
CA LEU A 62 5.37 -29.97 1.79
C LEU A 62 4.43 -29.67 0.62
N LEU A 63 4.13 -30.71 -0.17
CA LEU A 63 3.19 -30.60 -1.28
C LEU A 63 1.76 -30.34 -0.78
N ASN A 64 1.49 -30.82 0.43
CA ASN A 64 0.22 -30.58 1.10
C ASN A 64 0.03 -29.10 1.46
N ALA A 65 1.11 -28.47 1.91
CA ALA A 65 1.09 -27.06 2.29
C ALA A 65 1.28 -26.14 1.09
N THR A 66 1.97 -26.63 0.07
CA THR A 66 2.21 -25.87 -1.15
C THR A 66 1.02 -25.96 -2.09
N PHE A 67 0.75 -27.16 -2.59
CA PHE A 67 -0.28 -27.36 -3.61
C PHE A 67 -1.70 -27.49 -3.06
N GLY A 68 -1.81 -27.81 -1.77
CA GLY A 68 -3.10 -27.82 -1.07
C GLY A 68 -3.67 -26.42 -0.90
N ASN A 69 -2.79 -25.41 -0.98
CA ASN A 69 -3.20 -24.00 -0.90
C ASN A 69 -2.76 -23.22 -2.14
N ALA A 70 -2.55 -23.95 -3.24
CA ALA A 70 -1.94 -23.42 -4.47
C ALA A 70 -2.70 -22.29 -5.14
N VAL A 71 -4.01 -22.44 -5.36
CA VAL A 71 -4.80 -21.37 -5.97
C VAL A 71 -4.78 -20.09 -5.11
N GLU A 72 -4.88 -20.24 -3.80
CA GLU A 72 -4.72 -19.11 -2.87
C GLU A 72 -3.37 -18.44 -3.04
N LEU A 73 -2.30 -19.23 -3.18
CA LEU A 73 -0.97 -18.70 -3.49
C LEU A 73 -0.92 -18.05 -4.87
N ILE A 74 -1.59 -18.66 -5.84
CA ILE A 74 -1.58 -18.19 -7.23
C ILE A 74 -2.35 -16.88 -7.42
N ILE A 75 -3.60 -16.85 -6.94
CA ILE A 75 -4.42 -15.64 -7.01
C ILE A 75 -3.74 -14.47 -6.29
N SER A 76 -3.18 -14.75 -5.11
CA SER A 76 -2.48 -13.74 -4.33
C SER A 76 -1.20 -13.25 -5.00
N MET A 77 -0.53 -14.14 -5.72
CA MET A 77 0.71 -13.82 -6.42
C MET A 77 0.53 -12.70 -7.43
N PHE A 78 -0.51 -12.83 -8.27
CA PHE A 78 -0.83 -11.83 -9.29
C PHE A 78 -1.47 -10.58 -8.68
N ALA A 79 -2.16 -10.77 -7.55
CA ALA A 79 -2.69 -9.64 -6.78
C ALA A 79 -1.55 -8.74 -6.27
N LEU A 80 -0.43 -9.35 -5.90
CA LEU A 80 0.77 -8.62 -5.51
C LEU A 80 1.38 -7.84 -6.67
N LYS A 81 1.38 -8.42 -7.87
CA LYS A 81 1.88 -7.74 -9.07
C LYS A 81 1.07 -6.48 -9.38
N GLU A 82 -0.25 -6.57 -9.24
CA GLU A 82 -1.13 -5.41 -9.39
C GLU A 82 -1.09 -4.47 -8.18
N GLY A 83 -0.39 -4.88 -7.14
CA GLY A 83 -0.27 -4.08 -5.91
C GLY A 83 -1.50 -4.14 -5.03
N LEU A 84 -2.45 -5.00 -5.38
CA LEU A 84 -3.68 -5.21 -4.62
C LEU A 84 -3.42 -6.05 -3.37
N THR A 85 -2.69 -5.46 -2.43
CA THR A 85 -2.24 -6.16 -1.23
C THR A 85 -3.36 -6.42 -0.21
N GLY A 86 -4.38 -5.56 -0.24
CA GLY A 86 -5.56 -5.72 0.63
C GLY A 86 -6.30 -7.03 0.37
N ILE A 87 -6.48 -7.36 -0.91
CA ILE A 87 -7.18 -8.58 -1.33
C ILE A 87 -6.45 -9.85 -0.86
N VAL A 88 -5.12 -9.79 -0.87
CA VAL A 88 -4.28 -10.88 -0.39
C VAL A 88 -4.61 -11.15 1.08
N LEU A 89 -4.55 -10.10 1.90
CA LEU A 89 -4.88 -10.19 3.32
C LEU A 89 -6.33 -10.63 3.53
N ALA A 90 -7.22 -10.11 2.68
CA ALA A 90 -8.64 -10.49 2.70
C ALA A 90 -8.84 -11.98 2.43
N SER A 91 -8.14 -12.50 1.43
CA SER A 91 -8.22 -13.91 1.05
C SER A 91 -7.59 -14.84 2.08
N LEU A 92 -6.50 -14.42 2.72
CA LEU A 92 -5.87 -15.18 3.82
C LEU A 92 -6.77 -15.21 5.06
N THR A 93 -7.42 -14.09 5.34
CA THR A 93 -8.48 -14.00 6.35
C THR A 93 -9.60 -14.99 6.03
N GLY A 94 -10.03 -14.99 4.76
CA GLY A 94 -11.19 -15.77 4.35
C GLY A 94 -10.91 -17.25 4.20
N SER A 95 -9.63 -17.59 4.08
CA SER A 95 -9.20 -18.97 3.97
C SER A 95 -9.28 -19.67 5.33
N VAL A 96 -8.99 -18.94 6.40
CA VAL A 96 -9.11 -19.50 7.75
C VAL A 96 -10.57 -19.53 8.19
N LEU A 97 -11.32 -18.49 7.80
CA LEU A 97 -12.78 -18.44 8.02
C LEU A 97 -13.46 -19.65 7.39
N GLY A 98 -13.28 -19.83 6.08
CA GLY A 98 -13.86 -20.94 5.34
C GLY A 98 -13.53 -22.30 5.92
N ASN A 99 -12.24 -22.58 6.09
CA ASN A 99 -11.78 -23.83 6.68
C ASN A 99 -12.47 -24.12 8.02
N LEU A 100 -12.42 -23.15 8.93
CA LEU A 100 -12.93 -23.32 10.29
C LEU A 100 -14.44 -23.25 10.40
N LEU A 101 -15.11 -22.62 9.44
CA LEU A 101 -16.55 -22.37 9.57
C LEU A 101 -17.41 -22.90 8.42
N LEU A 102 -16.86 -22.94 7.22
CA LEU A 102 -17.61 -23.45 6.05
C LEU A 102 -17.32 -24.92 5.76
N VAL A 103 -16.06 -25.24 5.48
CA VAL A 103 -15.71 -26.61 5.11
C VAL A 103 -15.70 -27.56 6.32
N ALA A 104 -15.60 -26.98 7.52
CA ALA A 104 -15.84 -27.72 8.76
C ALA A 104 -17.32 -27.69 9.12
N GLY A 105 -17.97 -26.56 8.86
CA GLY A 105 -19.41 -26.41 9.11
C GLY A 105 -20.27 -27.33 8.25
N LEU A 106 -19.93 -27.45 6.96
CA LEU A 106 -20.65 -28.33 6.05
C LEU A 106 -20.29 -29.80 6.24
N SER A 107 -19.11 -30.07 6.80
CA SER A 107 -18.72 -31.43 7.14
C SER A 107 -19.52 -31.92 8.34
N PHE A 108 -19.73 -31.01 9.30
CA PHE A 108 -20.45 -31.32 10.53
C PHE A 108 -21.97 -31.34 10.32
N PHE A 109 -22.44 -30.63 9.30
CA PHE A 109 -23.87 -30.56 8.99
C PHE A 109 -24.31 -31.69 8.05
N VAL A 110 -23.68 -31.76 6.87
CA VAL A 110 -24.00 -32.76 5.84
C VAL A 110 -23.66 -34.18 6.32
N GLY A 111 -22.50 -34.33 6.96
CA GLY A 111 -22.11 -35.60 7.57
C GLY A 111 -22.81 -35.85 8.89
N GLY A 112 -23.69 -34.92 9.29
CA GLY A 112 -24.41 -34.99 10.55
C GLY A 112 -25.73 -35.71 10.48
N LEU A 113 -25.80 -36.69 9.57
CA LEU A 113 -26.95 -37.57 9.44
C LEU A 113 -26.76 -38.88 10.22
N LYS A 114 -25.50 -39.14 10.56
CA LYS A 114 -25.16 -40.29 11.39
C LYS A 114 -25.82 -40.11 12.75
N TYR A 115 -25.81 -38.87 13.24
CA TYR A 115 -26.48 -38.53 14.47
C TYR A 115 -26.05 -38.74 15.92
N ALA A 116 -25.05 -39.58 16.18
CA ALA A 116 -24.96 -40.12 17.51
C ALA A 116 -23.71 -39.38 17.96
N ARG A 117 -22.71 -39.35 17.12
CA ARG A 117 -21.44 -38.90 17.57
C ARG A 117 -20.64 -38.84 16.34
N GLN A 118 -19.35 -38.57 16.47
CA GLN A 118 -18.54 -38.65 15.30
C GLN A 118 -17.09 -38.92 15.56
N GLU A 119 -16.41 -39.43 14.53
CA GLU A 119 -15.03 -39.89 14.70
C GLU A 119 -14.13 -38.87 15.40
N PHE A 120 -13.43 -39.35 16.43
CA PHE A 120 -12.62 -38.50 17.30
C PHE A 120 -11.16 -38.90 17.37
N ASN A 121 -10.31 -37.89 17.51
CA ASN A 121 -9.01 -38.06 18.14
C ASN A 121 -8.79 -36.85 19.03
N ILE A 122 -9.33 -36.94 20.25
CA ILE A 122 -9.34 -35.84 21.22
C ILE A 122 -7.94 -35.28 21.45
N HIS A 123 -6.94 -36.16 21.49
CA HIS A 123 -5.53 -35.75 21.62
C HIS A 123 -5.11 -34.79 20.55
N ASP A 124 -5.46 -35.11 19.30
CA ASP A 124 -5.07 -34.30 18.14
C ASP A 124 -5.85 -32.99 18.05
N ALA A 125 -7.16 -33.04 18.30
CA ALA A 125 -8.02 -31.86 18.26
C ALA A 125 -7.62 -30.83 19.31
N ARG A 126 -7.24 -31.31 20.50
CA ARG A 126 -6.80 -30.43 21.58
C ARG A 126 -5.40 -29.88 21.35
N HIS A 127 -4.59 -30.62 20.59
CA HIS A 127 -3.25 -30.17 20.21
C HIS A 127 -3.30 -29.20 19.06
N ASN A 128 -4.22 -29.46 18.13
CA ASN A 128 -4.39 -28.63 16.94
C ASN A 128 -5.05 -27.27 17.21
N SER A 129 -5.71 -27.15 18.36
CA SER A 129 -6.20 -25.85 18.84
C SER A 129 -5.05 -25.07 19.47
N GLY A 130 -4.17 -25.80 20.15
CA GLY A 130 -2.98 -25.23 20.76
C GLY A 130 -2.08 -24.48 19.79
N LEU A 131 -2.02 -24.96 18.55
CA LEU A 131 -1.28 -24.27 17.49
C LEU A 131 -2.10 -23.16 16.82
N LEU A 132 -3.40 -23.39 16.68
CA LEU A 132 -4.31 -22.38 16.12
C LEU A 132 -4.21 -21.06 16.87
N ILE A 133 -4.40 -21.13 18.19
CA ILE A 133 -4.24 -19.96 19.07
C ILE A 133 -2.89 -19.28 18.81
N PHE A 134 -1.80 -20.05 18.88
CA PHE A 134 -0.47 -19.53 18.54
C PHE A 134 -0.45 -18.88 17.16
N ALA A 135 -0.92 -19.61 16.15
CA ALA A 135 -0.92 -19.14 14.76
C ALA A 135 -1.76 -17.87 14.57
N ILE A 136 -3.00 -17.91 15.03
CA ILE A 136 -3.94 -16.80 14.84
C ILE A 136 -3.85 -15.76 15.96
N ILE A 137 -4.23 -16.15 17.17
CA ILE A 137 -4.41 -15.22 18.30
C ILE A 137 -3.12 -14.48 18.73
N VAL A 138 -1.97 -15.00 18.29
CA VAL A 138 -0.71 -14.29 18.49
C VAL A 138 -0.23 -13.73 17.15
N ALA A 139 0.20 -14.61 16.26
CA ALA A 139 0.94 -14.21 15.06
C ALA A 139 0.13 -13.45 13.98
N PHE A 140 -1.18 -13.29 14.17
CA PHE A 140 -1.97 -12.35 13.36
C PHE A 140 -2.43 -11.15 14.18
N VAL A 141 -2.78 -11.40 15.44
CA VAL A 141 -3.26 -10.35 16.33
C VAL A 141 -2.14 -9.39 16.70
N ILE A 142 -1.05 -9.96 17.23
CA ILE A 142 0.13 -9.19 17.66
C ILE A 142 0.66 -8.21 16.61
N PRO A 143 0.91 -8.67 15.36
CA PRO A 143 1.37 -7.73 14.34
C PRO A 143 0.39 -6.60 14.07
N GLU A 144 -0.91 -6.92 14.02
CA GLU A 144 -1.95 -5.91 13.80
C GLU A 144 -1.97 -4.81 14.84
N VAL A 145 -2.07 -5.18 16.12
CA VAL A 145 -2.21 -4.18 17.19
C VAL A 145 -0.90 -3.43 17.46
N PHE A 146 0.23 -4.15 17.38
CA PHE A 146 1.55 -3.54 17.53
C PHE A 146 1.89 -2.56 16.40
N SER A 147 1.31 -2.78 15.22
CA SER A 147 1.66 -2.02 14.02
C SER A 147 1.05 -0.62 13.89
N VAL A 148 -0.07 -0.37 14.54
CA VAL A 148 -0.78 0.92 14.43
C VAL A 148 0.17 2.12 14.42
N GLY A 149 0.96 2.27 15.49
CA GLY A 149 1.92 3.36 15.60
C GLY A 149 3.35 2.86 15.51
N MET A 150 3.69 2.26 14.38
CA MET A 150 5.03 1.70 14.16
C MET A 150 5.82 2.37 13.04
N GLY A 151 5.14 2.69 11.94
CA GLY A 151 5.82 3.15 10.74
C GLY A 151 6.14 1.97 9.84
N ASN A 152 6.07 2.19 8.53
CA ASN A 152 6.12 1.11 7.54
C ASN A 152 7.37 0.23 7.59
N ALA A 153 8.52 0.84 7.86
CA ALA A 153 9.79 0.11 7.96
C ALA A 153 9.73 -0.96 9.04
N SER A 154 9.36 -0.55 10.25
CA SER A 154 9.24 -1.45 11.39
C SER A 154 8.07 -2.41 11.25
N LYS A 155 7.01 -1.96 10.59
CA LYS A 155 5.84 -2.80 10.30
C LYS A 155 6.21 -4.11 9.59
N LEU A 156 6.80 -3.99 8.40
CA LEU A 156 7.15 -5.16 7.60
C LEU A 156 8.39 -5.89 8.09
N ASN A 157 9.17 -5.23 8.95
CA ASN A 157 10.27 -5.89 9.64
C ASN A 157 9.75 -6.87 10.68
N LEU A 158 8.74 -6.45 11.43
CA LEU A 158 8.04 -7.33 12.38
C LEU A 158 7.35 -8.46 11.64
N SER A 159 6.68 -8.13 10.52
CA SER A 159 6.05 -9.14 9.66
C SER A 159 7.06 -10.17 9.20
N ILE A 160 8.13 -9.71 8.53
CA ILE A 160 9.27 -10.54 8.17
C ILE A 160 9.78 -11.38 9.35
N GLY A 161 9.95 -10.73 10.51
CA GLY A 161 10.34 -11.42 11.75
C GLY A 161 9.43 -12.57 12.14
N ILE A 162 8.13 -12.28 12.22
CA ILE A 162 7.11 -13.29 12.53
C ILE A 162 7.05 -14.35 11.43
N SER A 163 7.08 -13.90 10.18
CA SER A 163 7.00 -14.78 9.01
C SER A 163 8.12 -15.81 8.97
N ILE A 164 9.35 -15.37 9.24
CA ILE A 164 10.53 -16.24 9.19
C ILE A 164 10.48 -17.32 10.28
N ILE A 165 10.02 -16.96 11.47
CA ILE A 165 9.94 -17.91 12.58
C ILE A 165 8.75 -18.85 12.45
N MET A 166 7.67 -18.39 11.83
CA MET A 166 6.49 -19.22 11.63
C MET A 166 6.69 -20.32 10.58
N ILE A 167 7.39 -20.02 9.50
CA ILE A 167 7.75 -21.06 8.53
C ILE A 167 8.77 -22.04 9.13
N LEU A 168 9.79 -21.51 9.82
CA LEU A 168 10.77 -22.34 10.52
C LEU A 168 10.10 -23.30 11.53
N LEU A 169 9.21 -22.76 12.35
CA LEU A 169 8.53 -23.57 13.36
C LEU A 169 7.51 -24.54 12.75
N TYR A 170 7.04 -24.23 11.55
CA TYR A 170 6.13 -25.11 10.82
C TYR A 170 6.90 -26.23 10.13
N VAL A 171 8.02 -25.87 9.51
CA VAL A 171 8.82 -26.82 8.72
C VAL A 171 9.64 -27.75 9.63
N ALA A 172 9.98 -27.27 10.82
CA ALA A 172 10.76 -28.05 11.78
C ALA A 172 9.96 -29.25 12.32
N ALA A 173 8.72 -28.98 12.70
CA ALA A 173 7.81 -30.03 13.17
C ALA A 173 7.46 -31.01 12.04
N LEU A 174 7.36 -30.47 10.82
CA LEU A 174 7.10 -31.27 9.62
C LEU A 174 8.27 -32.20 9.29
N TYR A 175 9.49 -31.70 9.48
CA TYR A 175 10.72 -32.48 9.27
C TYR A 175 10.82 -33.64 10.26
N PHE A 176 10.50 -33.37 11.50
CA PHE A 176 10.49 -34.41 12.49
C PHE A 176 9.12 -35.00 12.47
N LYS A 177 8.12 -34.20 12.84
CA LYS A 177 6.77 -34.70 12.94
C LYS A 177 5.86 -33.60 13.41
N SER A 202 -5.60 -43.80 -8.41
CA SER A 202 -4.51 -43.70 -9.38
C SER A 202 -3.46 -42.68 -8.93
N GLY A 203 -2.21 -42.91 -9.33
CA GLY A 203 -1.09 -42.08 -8.88
C GLY A 203 -0.33 -41.34 -9.97
N LYS A 204 -0.32 -41.90 -11.17
CA LYS A 204 0.42 -41.32 -12.29
C LYS A 204 -0.25 -40.08 -12.88
N VAL A 205 -1.59 -40.04 -12.84
CA VAL A 205 -2.34 -38.89 -13.33
C VAL A 205 -2.27 -37.69 -12.39
N ALA A 206 -1.94 -37.94 -11.13
CA ALA A 206 -1.87 -36.91 -10.09
C ALA A 206 -0.94 -35.75 -10.45
N THR A 207 0.28 -36.06 -10.89
CA THR A 207 1.25 -35.03 -11.29
C THR A 207 0.89 -34.36 -12.62
N ILE A 208 0.33 -35.13 -13.54
CA ILE A 208 -0.09 -34.62 -14.86
C ILE A 208 -1.25 -33.63 -14.71
N VAL A 209 -2.25 -34.00 -13.91
CA VAL A 209 -3.42 -33.14 -13.70
C VAL A 209 -3.08 -31.93 -12.80
N LEU A 210 -2.13 -32.12 -11.89
CA LEU A 210 -1.67 -31.03 -11.01
C LEU A 210 -0.90 -29.98 -11.81
N PHE A 211 -0.07 -30.46 -12.75
CA PHE A 211 0.67 -29.57 -13.64
C PHE A 211 -0.25 -28.86 -14.62
N ALA A 212 -1.33 -29.54 -15.01
CA ALA A 212 -2.32 -28.95 -15.91
C ALA A 212 -3.13 -27.86 -15.21
N ALA A 213 -3.80 -28.24 -14.12
CA ALA A 213 -4.64 -27.32 -13.35
C ALA A 213 -3.93 -26.05 -12.92
N THR A 214 -2.68 -26.18 -12.44
CA THR A 214 -1.87 -25.05 -12.01
C THR A 214 -1.79 -23.96 -13.08
N ILE A 215 -1.23 -24.32 -14.24
CA ILE A 215 -1.04 -23.37 -15.35
C ILE A 215 -2.37 -22.76 -15.81
N VAL A 216 -3.40 -23.60 -15.96
CA VAL A 216 -4.73 -23.11 -16.31
C VAL A 216 -5.16 -22.06 -15.30
N VAL A 217 -5.18 -22.42 -14.01
CA VAL A 217 -5.52 -21.51 -12.91
C VAL A 217 -4.71 -20.21 -12.99
N ALA A 218 -3.38 -20.33 -13.05
CA ALA A 218 -2.47 -19.19 -13.13
C ALA A 218 -2.87 -18.18 -14.21
N TYR A 219 -3.18 -18.68 -15.40
CA TYR A 219 -3.60 -17.83 -16.52
C TYR A 219 -5.00 -17.23 -16.32
N ILE A 220 -5.90 -17.97 -15.66
CA ILE A 220 -7.22 -17.45 -15.28
C ILE A 220 -7.04 -16.38 -14.20
N SER A 221 -6.20 -16.68 -13.21
CA SER A 221 -5.96 -15.79 -12.07
C SER A 221 -5.35 -14.45 -12.48
N GLU A 222 -4.42 -14.48 -13.43
CA GLU A 222 -3.79 -13.26 -13.94
C GLU A 222 -4.84 -12.26 -14.40
N ASN A 223 -5.80 -12.75 -15.20
CA ASN A 223 -6.88 -11.93 -15.72
C ASN A 223 -7.96 -11.63 -14.69
N LEU A 224 -8.01 -12.44 -13.63
CA LEU A 224 -8.99 -12.26 -12.56
C LEU A 224 -8.68 -10.99 -11.77
N VAL A 225 -7.41 -10.78 -11.46
CA VAL A 225 -6.97 -9.64 -10.65
C VAL A 225 -7.39 -8.29 -11.27
N HIS A 226 -7.33 -8.20 -12.59
CA HIS A 226 -7.69 -6.99 -13.33
C HIS A 226 -9.16 -6.69 -13.31
N THR A 227 -9.97 -7.68 -12.93
CA THR A 227 -11.44 -7.56 -12.91
C THR A 227 -11.96 -6.90 -11.63
N PHE A 228 -11.14 -6.93 -10.58
CA PHE A 228 -11.57 -6.57 -9.22
C PHE A 228 -12.06 -5.13 -9.06
N HIS A 229 -11.44 -4.19 -9.77
CA HIS A 229 -11.78 -2.77 -9.62
C HIS A 229 -13.10 -2.41 -10.25
N SER A 230 -13.42 -3.03 -11.38
CA SER A 230 -14.70 -2.81 -12.07
C SER A 230 -15.88 -3.43 -11.32
N VAL A 231 -15.70 -4.68 -10.86
CA VAL A 231 -16.72 -5.40 -10.08
C VAL A 231 -17.15 -4.59 -8.86
N ALA A 232 -16.17 -3.98 -8.19
CA ALA A 232 -16.42 -3.10 -7.07
C ALA A 232 -17.31 -1.92 -7.46
N GLU A 233 -16.95 -1.23 -8.50
CA GLU A 233 -17.71 -0.08 -8.91
C GLU A 233 -19.10 -0.39 -9.45
N GLN A 234 -19.17 -1.35 -10.34
CA GLN A 234 -20.43 -1.67 -11.01
C GLN A 234 -21.47 -2.29 -10.10
N PHE A 235 -21.05 -3.15 -9.18
CA PHE A 235 -21.96 -3.78 -8.22
C PHE A 235 -22.14 -2.99 -6.93
N GLY A 236 -21.10 -2.29 -6.51
CA GLY A 236 -21.11 -1.55 -5.24
C GLY A 236 -20.37 -2.28 -4.14
N TRP A 237 -19.95 -3.51 -4.42
CA TRP A 237 -19.24 -4.35 -3.46
C TRP A 237 -17.92 -3.77 -3.05
N SER A 238 -17.56 -3.94 -1.79
CA SER A 238 -16.24 -3.57 -1.31
C SER A 238 -15.23 -4.65 -1.70
N GLU A 239 -14.02 -4.23 -2.06
CA GLU A 239 -12.94 -5.15 -2.44
C GLU A 239 -12.64 -6.15 -1.33
N LEU A 240 -12.93 -5.74 -0.09
CA LEU A 240 -12.85 -6.60 1.09
C LEU A 240 -13.78 -7.80 0.95
N PHE A 241 -15.07 -7.54 0.70
CA PHE A 241 -16.06 -8.60 0.49
C PHE A 241 -15.57 -9.63 -0.53
N ILE A 242 -15.11 -9.14 -1.68
CA ILE A 242 -14.58 -9.96 -2.77
C ILE A 242 -13.45 -10.86 -2.29
N GLY A 243 -12.50 -10.27 -1.56
CA GLY A 243 -11.34 -11.00 -1.08
C GLY A 243 -11.64 -12.03 -0.01
N VAL A 244 -12.30 -11.58 1.07
CA VAL A 244 -12.57 -12.44 2.23
C VAL A 244 -13.52 -13.59 1.89
N ILE A 245 -14.43 -13.35 0.96
CA ILE A 245 -15.45 -14.34 0.64
C ILE A 245 -15.31 -14.97 -0.75
N ILE A 246 -15.48 -14.17 -1.80
CA ILE A 246 -15.52 -14.69 -3.17
C ILE A 246 -14.23 -15.40 -3.56
N VAL A 247 -13.10 -14.74 -3.32
CA VAL A 247 -11.77 -15.28 -3.64
C VAL A 247 -11.42 -16.49 -2.75
N ALA A 248 -11.84 -16.44 -1.50
CA ALA A 248 -11.51 -17.46 -0.51
C ALA A 248 -12.29 -18.77 -0.71
N ILE A 249 -13.59 -18.65 -1.02
CA ILE A 249 -14.43 -19.82 -1.30
C ILE A 249 -13.92 -20.52 -2.55
N VAL A 250 -13.78 -19.76 -3.63
CA VAL A 250 -13.27 -20.25 -4.91
C VAL A 250 -11.88 -20.85 -4.74
N GLY A 251 -11.03 -20.18 -3.98
CA GLY A 251 -9.69 -20.66 -3.91
C GLY A 251 -9.44 -21.71 -2.87
N ASN A 252 -9.34 -21.33 -1.62
CA ASN A 252 -8.97 -22.31 -0.60
C ASN A 252 -10.06 -23.33 -0.28
N ALA A 253 -11.29 -22.85 -0.08
CA ALA A 253 -12.39 -23.69 0.38
C ALA A 253 -12.76 -24.82 -0.58
N ALA A 254 -12.69 -24.54 -1.88
CA ALA A 254 -12.94 -25.55 -2.91
C ALA A 254 -11.89 -26.66 -2.88
N GLU A 255 -10.62 -26.27 -2.75
CA GLU A 255 -9.51 -27.21 -2.64
C GLU A 255 -9.67 -28.23 -1.51
N HIS A 256 -10.35 -27.80 -0.44
CA HIS A 256 -10.51 -28.61 0.77
C HIS A 256 -11.92 -29.13 0.95
N ALA A 257 -12.71 -29.06 -0.11
CA ALA A 257 -14.09 -29.56 -0.09
C ALA A 257 -14.15 -31.10 -0.03
N SER A 258 -12.98 -31.74 -0.15
CA SER A 258 -12.87 -33.20 -0.02
C SER A 258 -13.30 -33.67 1.37
N ALA A 259 -13.17 -32.78 2.35
CA ALA A 259 -13.53 -33.05 3.74
C ALA A 259 -15.03 -33.23 3.95
N ILE A 260 -15.82 -32.46 3.22
CA ILE A 260 -17.29 -32.55 3.29
C ILE A 260 -17.77 -33.93 2.80
N ILE A 261 -17.13 -34.44 1.75
CA ILE A 261 -17.41 -35.77 1.21
C ILE A 261 -16.90 -36.84 2.19
N MET A 262 -15.73 -36.61 2.76
CA MET A 262 -15.10 -37.53 3.70
C MET A 262 -15.90 -37.67 5.00
N ALA A 263 -16.64 -36.62 5.35
CA ALA A 263 -17.52 -36.63 6.52
C ALA A 263 -18.75 -37.50 6.30
N PHE A 264 -19.24 -37.50 5.05
CA PHE A 264 -20.37 -38.33 4.63
C PHE A 264 -20.01 -39.81 4.62
N LYS A 265 -18.75 -40.10 4.27
CA LYS A 265 -18.25 -41.48 4.27
C LYS A 265 -17.77 -41.89 5.67
N ASN A 266 -18.31 -41.21 6.68
CA ASN A 266 -18.06 -41.47 8.09
C ASN A 266 -16.58 -41.49 8.52
N LYS A 267 -15.78 -40.65 7.85
CA LYS A 267 -14.38 -40.45 8.21
C LYS A 267 -14.19 -38.98 8.62
N MET A 268 -14.75 -38.65 9.79
CA MET A 268 -14.78 -37.28 10.29
C MET A 268 -13.40 -36.78 10.73
N ASP A 269 -12.62 -37.64 11.39
CA ASP A 269 -11.33 -37.26 11.97
C ASP A 269 -10.30 -36.81 10.92
N ILE A 270 -10.54 -37.14 9.65
CA ILE A 270 -9.71 -36.65 8.54
C ILE A 270 -10.31 -35.35 8.00
N ALA A 271 -11.64 -35.30 7.93
CA ALA A 271 -12.37 -34.08 7.57
C ALA A 271 -12.07 -32.93 8.53
N VAL A 272 -11.88 -33.29 9.81
CA VAL A 272 -11.44 -32.35 10.84
C VAL A 272 -9.96 -32.00 10.64
N GLU A 273 -9.15 -33.05 10.47
CA GLU A 273 -7.70 -32.93 10.20
C GLU A 273 -7.39 -32.03 9.00
N ILE A 274 -8.21 -32.12 7.95
CA ILE A 274 -8.03 -31.29 6.74
C ILE A 274 -8.31 -29.81 7.03
N ALA A 275 -9.48 -29.51 7.60
CA ALA A 275 -9.89 -28.14 7.91
C ALA A 275 -8.88 -27.41 8.80
N VAL A 276 -8.57 -27.98 9.95
CA VAL A 276 -7.66 -27.36 10.92
C VAL A 276 -6.23 -27.30 10.37
N GLY A 277 -5.76 -28.42 9.82
CA GLY A 277 -4.42 -28.49 9.24
C GLY A 277 -4.16 -27.46 8.16
N SER A 278 -5.13 -27.30 7.26
CA SER A 278 -5.06 -26.33 6.17
C SER A 278 -4.97 -24.90 6.69
N THR A 279 -5.83 -24.58 7.65
CA THR A 279 -5.83 -23.29 8.35
C THR A 279 -4.48 -23.04 9.00
N LEU A 280 -3.93 -24.08 9.62
CA LEU A 280 -2.65 -24.02 10.31
C LEU A 280 -1.55 -23.64 9.33
N GLN A 281 -1.53 -24.29 8.17
CA GLN A 281 -0.50 -24.02 7.16
C GLN A 281 -0.75 -22.70 6.42
N ILE A 282 -1.99 -22.23 6.39
CA ILE A 282 -2.29 -20.91 5.86
C ILE A 282 -1.68 -19.83 6.76
N ALA A 283 -1.85 -19.99 8.07
CA ALA A 283 -1.32 -19.05 9.06
C ALA A 283 0.18 -19.17 9.23
N MET A 284 0.72 -20.39 9.13
CA MET A 284 2.14 -20.66 9.43
C MET A 284 3.06 -20.79 8.21
N PHE A 285 2.49 -21.10 7.05
CA PHE A 285 3.31 -21.26 5.84
C PHE A 285 2.88 -20.32 4.71
N VAL A 286 1.62 -20.42 4.29
CA VAL A 286 1.11 -19.62 3.17
C VAL A 286 1.27 -18.11 3.40
N ALA A 287 0.71 -17.61 4.50
CA ALA A 287 0.79 -16.18 4.82
C ALA A 287 2.23 -15.69 5.03
N PRO A 288 3.06 -16.47 5.75
CA PRO A 288 4.48 -16.13 5.78
C PRO A 288 5.16 -16.18 4.41
N VAL A 289 4.83 -17.18 3.59
CA VAL A 289 5.31 -17.26 2.21
C VAL A 289 5.00 -15.96 1.46
N LEU A 290 3.73 -15.54 1.48
CA LEU A 290 3.31 -14.33 0.77
C LEU A 290 4.04 -13.08 1.25
N VAL A 291 4.21 -12.95 2.56
CA VAL A 291 4.86 -11.76 3.14
C VAL A 291 6.31 -11.59 2.68
N ILE A 292 7.11 -12.66 2.80
CA ILE A 292 8.51 -12.64 2.35
C ILE A 292 8.60 -12.41 0.84
N CYS A 293 7.82 -13.15 0.07
CA CYS A 293 7.88 -13.07 -1.39
C CYS A 293 7.36 -11.73 -1.92
N SER A 294 6.43 -11.12 -1.18
CA SER A 294 5.87 -9.81 -1.55
C SER A 294 6.91 -8.69 -1.52
N ILE A 295 7.98 -8.89 -0.74
CA ILE A 295 9.09 -7.93 -0.64
C ILE A 295 9.87 -7.78 -1.95
N PHE A 296 9.78 -8.80 -2.81
CA PHE A 296 10.47 -8.76 -4.09
C PHE A 296 9.69 -8.02 -5.19
N PHE A 297 8.38 -8.08 -5.13
CA PHE A 297 7.62 -7.42 -6.15
C PHE A 297 6.29 -6.87 -5.73
N PRO A 298 6.02 -5.65 -6.16
CA PRO A 298 7.11 -4.69 -6.38
C PRO A 298 7.65 -4.38 -5.02
N THR A 299 6.71 -4.18 -4.11
CA THR A 299 7.04 -3.96 -2.72
C THR A 299 5.90 -4.25 -1.77
N SER A 300 6.31 -4.30 -0.51
CA SER A 300 5.92 -5.25 0.49
C SER A 300 4.54 -5.16 1.08
N MET A 301 4.08 -6.29 1.58
CA MET A 301 2.87 -6.34 2.36
C MET A 301 3.21 -6.92 3.72
N PRO A 302 2.89 -6.16 4.74
CA PRO A 302 2.98 -6.53 6.14
C PRO A 302 1.74 -7.33 6.56
N LEU A 303 1.86 -8.09 7.66
CA LEU A 303 0.71 -8.80 8.22
C LEU A 303 -0.21 -7.81 8.96
N VAL A 304 -0.96 -7.03 8.19
CA VAL A 304 -1.84 -6.01 8.74
C VAL A 304 -3.31 -6.26 8.40
N PHE A 305 -4.08 -6.67 9.39
CA PHE A 305 -5.49 -6.99 9.17
C PHE A 305 -6.39 -5.95 9.79
N THR A 306 -7.44 -5.57 9.08
CA THR A 306 -8.47 -4.69 9.62
C THR A 306 -9.11 -5.31 10.87
N LEU A 307 -9.86 -4.50 11.62
CA LEU A 307 -10.49 -4.95 12.86
C LEU A 307 -11.52 -6.06 12.62
N PRO A 308 -12.46 -5.87 11.67
CA PRO A 308 -13.42 -6.94 11.35
C PRO A 308 -12.75 -8.25 10.92
N GLU A 309 -11.71 -8.14 10.09
CA GLU A 309 -10.94 -9.29 9.63
C GLU A 309 -10.29 -10.05 10.78
N LEU A 310 -9.77 -9.31 11.75
CA LEU A 310 -9.05 -9.89 12.89
C LEU A 310 -9.97 -10.56 13.90
N VAL A 311 -11.06 -9.88 14.26
CA VAL A 311 -11.97 -10.38 15.28
C VAL A 311 -12.83 -11.54 14.75
N ALA A 312 -13.08 -11.54 13.45
CA ALA A 312 -13.74 -12.69 12.80
C ALA A 312 -12.88 -13.95 12.90
N MET A 313 -11.58 -13.78 12.70
CA MET A 313 -10.63 -14.90 12.79
C MET A 313 -10.48 -15.50 14.19
N VAL A 314 -10.41 -14.67 15.23
CA VAL A 314 -10.31 -15.23 16.60
C VAL A 314 -11.61 -15.86 17.06
N SER A 315 -12.74 -15.21 16.76
CA SER A 315 -14.06 -15.73 17.11
C SER A 315 -14.25 -17.12 16.53
N ALA A 316 -13.92 -17.27 15.23
CA ALA A 316 -13.94 -18.56 14.55
C ALA A 316 -13.06 -19.58 15.26
N VAL A 317 -11.83 -19.19 15.58
CA VAL A 317 -10.88 -20.07 16.28
C VAL A 317 -11.43 -20.52 17.64
N LEU A 318 -11.93 -19.56 18.42
CA LEU A 318 -12.57 -19.87 19.70
C LEU A 318 -13.75 -20.82 19.52
N LEU A 319 -14.66 -20.47 18.59
CA LEU A 319 -15.79 -21.33 18.25
C LEU A 319 -15.39 -22.73 17.78
N MET A 320 -14.24 -22.83 17.13
CA MET A 320 -13.71 -24.13 16.70
C MET A 320 -13.22 -24.97 17.88
N ILE A 321 -12.48 -24.34 18.79
CA ILE A 321 -12.04 -25.00 20.03
C ILE A 321 -13.25 -25.41 20.87
N ALA A 322 -14.30 -24.60 20.83
CA ALA A 322 -15.53 -24.86 21.57
C ALA A 322 -16.39 -25.96 20.92
N ILE A 323 -16.06 -26.30 19.67
CA ILE A 323 -16.78 -27.33 18.93
C ILE A 323 -15.96 -28.59 18.66
N SER A 324 -14.63 -28.46 18.68
CA SER A 324 -13.73 -29.60 18.50
C SER A 324 -13.57 -30.41 19.78
N ASN A 325 -13.86 -29.77 20.91
CA ASN A 325 -13.78 -30.39 22.24
C ASN A 325 -14.86 -31.47 22.45
N ASP A 326 -16.12 -31.10 22.22
CA ASP A 326 -17.35 -31.86 22.64
C ASP A 326 -17.91 -33.23 22.10
N GLY A 327 -18.23 -33.30 20.81
CA GLY A 327 -18.71 -34.51 20.17
C GLY A 327 -18.23 -34.65 18.74
N ASP A 328 -17.30 -33.79 18.36
CA ASP A 328 -16.82 -33.63 16.98
C ASP A 328 -17.95 -33.11 16.09
N SER A 329 -19.07 -33.83 16.00
CA SER A 329 -20.28 -33.32 15.36
C SER A 329 -21.68 -33.63 15.89
N ASN A 330 -22.62 -32.87 15.34
CA ASN A 330 -24.05 -33.03 15.49
C ASN A 330 -24.54 -32.20 14.32
N TRP A 331 -25.80 -32.33 13.93
CA TRP A 331 -26.29 -31.49 12.82
C TRP A 331 -26.28 -30.02 13.20
N PHE A 332 -26.77 -29.70 14.40
CA PHE A 332 -26.88 -28.30 14.85
C PHE A 332 -25.52 -27.71 15.25
N GLU A 333 -24.60 -28.60 15.63
CA GLU A 333 -23.23 -28.22 15.96
C GLU A 333 -22.52 -27.71 14.71
N GLY A 334 -22.82 -28.35 13.57
CA GLY A 334 -22.34 -27.89 12.27
C GLY A 334 -23.13 -26.69 11.77
N ALA A 335 -24.41 -26.62 12.15
CA ALA A 335 -25.26 -25.48 11.83
C ALA A 335 -24.81 -24.25 12.60
N THR A 336 -24.31 -24.46 13.82
CA THR A 336 -23.70 -23.41 14.63
C THR A 336 -22.52 -22.78 13.89
N LEU A 337 -21.53 -23.60 13.54
CA LEU A 337 -20.38 -23.18 12.74
C LEU A 337 -20.74 -22.46 11.44
N LEU A 338 -21.84 -22.90 10.80
CA LEU A 338 -22.33 -22.28 9.57
C LEU A 338 -23.05 -20.96 9.80
N ALA A 339 -23.82 -20.90 10.89
CA ALA A 339 -24.53 -19.68 11.27
C ALA A 339 -23.54 -18.55 11.51
N ALA A 340 -22.45 -18.86 12.21
CA ALA A 340 -21.35 -17.90 12.45
C ALA A 340 -20.80 -17.34 11.13
N TYR A 341 -20.61 -18.23 10.15
CA TYR A 341 -20.03 -17.85 8.86
C TYR A 341 -20.88 -16.86 8.08
N VAL A 342 -22.14 -17.22 7.79
CA VAL A 342 -23.04 -16.38 6.99
C VAL A 342 -23.17 -14.97 7.58
N ILE A 343 -23.26 -14.90 8.91
CA ILE A 343 -23.21 -13.64 9.66
C ILE A 343 -21.97 -12.80 9.29
N MET A 344 -20.78 -13.39 9.46
CA MET A 344 -19.53 -12.72 9.10
C MET A 344 -19.55 -12.30 7.64
N ALA A 345 -19.95 -13.23 6.77
CA ALA A 345 -20.06 -13.00 5.33
C ALA A 345 -20.95 -11.81 4.97
N ILE A 346 -22.14 -11.74 5.54
CA ILE A 346 -23.03 -10.59 5.29
C ILE A 346 -22.51 -9.31 5.94
N GLY A 347 -21.82 -9.45 7.07
CA GLY A 347 -21.12 -8.33 7.70
C GLY A 347 -20.01 -7.79 6.82
N PHE A 348 -19.27 -8.71 6.16
CA PHE A 348 -18.22 -8.32 5.23
C PHE A 348 -18.80 -7.73 3.95
N PHE A 349 -20.04 -8.09 3.66
CA PHE A 349 -20.77 -7.57 2.52
C PHE A 349 -21.25 -6.16 2.80
N LEU A 350 -21.71 -5.94 4.04
CA LEU A 350 -22.35 -4.69 4.42
C LEU A 350 -21.39 -3.54 4.79
N LEU A 351 -20.11 -3.86 5.01
CA LEU A 351 -19.11 -2.86 5.39
C LEU A 351 -18.89 -1.80 4.31
N ARG B 3 28.67 29.24 -6.76
CA ARG B 3 30.11 29.00 -6.44
C ARG B 3 30.39 27.55 -6.05
N ILE B 4 29.92 27.16 -4.87
CA ILE B 4 30.16 25.80 -4.34
C ILE B 4 29.28 24.75 -5.02
N PHE B 5 28.23 25.21 -5.69
CA PHE B 5 27.33 24.33 -6.44
C PHE B 5 28.04 23.65 -7.62
N PHE B 6 28.99 24.36 -8.22
CA PHE B 6 29.81 23.82 -9.32
C PHE B 6 30.68 22.67 -8.85
N ILE B 7 31.25 22.80 -7.65
CA ILE B 7 32.11 21.78 -7.06
C ILE B 7 31.30 20.56 -6.60
N LEU B 8 30.09 20.81 -6.12
CA LEU B 8 29.20 19.75 -5.65
C LEU B 8 28.65 18.87 -6.78
N VAL B 9 28.44 19.47 -7.95
CA VAL B 9 28.06 18.71 -9.16
C VAL B 9 29.29 18.00 -9.72
N ALA B 10 30.46 18.63 -9.58
CA ALA B 10 31.72 18.04 -10.05
C ALA B 10 32.07 16.75 -9.32
N ALA B 11 31.96 16.75 -7.99
CA ALA B 11 32.28 15.59 -7.19
C ALA B 11 31.07 14.71 -6.88
N GLY B 12 29.89 15.34 -6.85
CA GLY B 12 28.65 14.68 -6.41
C GLY B 12 28.17 13.55 -7.28
N VAL B 13 27.80 13.86 -8.52
CA VAL B 13 27.26 12.85 -9.44
C VAL B 13 28.25 11.72 -9.77
N PRO B 14 29.54 12.05 -10.04
CA PRO B 14 30.52 10.98 -10.20
C PRO B 14 30.54 10.02 -9.00
N LEU B 15 30.66 10.58 -7.79
CA LEU B 15 30.61 9.79 -6.55
C LEU B 15 29.32 8.98 -6.45
N SER B 16 28.20 9.58 -6.86
CA SER B 16 26.88 8.94 -6.84
C SER B 16 26.83 7.75 -7.80
N VAL B 17 27.34 7.96 -9.02
CA VAL B 17 27.43 6.90 -10.02
C VAL B 17 28.35 5.76 -9.53
N ILE B 18 29.49 6.12 -8.95
CA ILE B 18 30.41 5.14 -8.36
C ILE B 18 29.70 4.32 -7.27
N GLY B 19 29.07 5.01 -6.31
CA GLY B 19 28.35 4.37 -5.22
C GLY B 19 27.18 3.49 -5.66
N SER B 20 26.47 3.92 -6.70
CA SER B 20 25.33 3.17 -7.23
C SER B 20 25.73 1.95 -8.05
N LEU B 21 26.92 2.00 -8.66
CA LEU B 21 27.42 0.90 -9.49
C LEU B 21 28.30 -0.09 -8.74
N MET B 22 29.00 0.39 -7.71
CA MET B 22 29.80 -0.49 -6.85
C MET B 22 28.89 -1.35 -5.97
N HIS B 23 27.75 -0.77 -5.62
CA HIS B 23 26.79 -1.34 -4.74
C HIS B 23 27.33 -1.74 -3.43
N TRP B 24 27.83 -0.75 -2.72
CA TRP B 24 28.26 -0.83 -1.34
C TRP B 24 28.12 0.63 -1.02
N PRO B 25 27.81 1.07 0.20
CA PRO B 25 26.67 0.75 1.07
C PRO B 25 25.54 1.75 0.84
N SER B 26 24.60 1.75 1.77
CA SER B 26 23.37 2.52 1.65
C SER B 26 23.37 3.82 2.42
N ALA B 27 24.02 3.85 3.59
CA ALA B 27 24.01 5.08 4.35
C ALA B 27 24.75 6.17 3.62
N VAL B 28 25.93 5.85 3.14
CA VAL B 28 26.72 6.79 2.38
C VAL B 28 26.09 7.12 1.06
N LEU B 29 25.45 6.14 0.45
CA LEU B 29 24.84 6.46 -0.81
C LEU B 29 23.87 7.57 -0.54
N PHE B 30 23.15 7.45 0.54
CA PHE B 30 22.14 8.40 0.89
C PHE B 30 22.72 9.77 1.10
N ALA B 31 23.82 9.83 1.82
CA ALA B 31 24.52 11.08 2.09
C ALA B 31 24.97 11.76 0.80
N VAL B 32 25.62 10.99 -0.08
CA VAL B 32 26.12 11.50 -1.37
C VAL B 32 24.98 11.96 -2.28
N TYR B 33 23.91 11.16 -2.36
CA TYR B 33 22.74 11.52 -3.19
C TYR B 33 22.14 12.85 -2.74
N CYS B 34 21.82 12.95 -1.46
CA CYS B 34 21.12 14.12 -0.92
C CYS B 34 21.91 15.41 -1.04
N VAL B 35 23.24 15.32 -0.95
CA VAL B 35 24.11 16.48 -1.18
C VAL B 35 24.11 16.85 -2.66
N THR B 36 24.14 15.84 -3.53
CA THR B 36 24.23 16.04 -4.98
C THR B 36 22.97 16.67 -5.59
N ILE B 37 21.80 16.15 -5.21
CA ILE B 37 20.52 16.66 -5.72
C ILE B 37 20.24 18.10 -5.30
N ILE B 38 20.67 18.46 -4.08
CA ILE B 38 20.55 19.84 -3.59
C ILE B 38 21.13 20.82 -4.62
N ALA B 39 22.33 20.51 -5.12
CA ALA B 39 22.98 21.30 -6.16
C ALA B 39 22.22 21.25 -7.48
N LEU B 40 21.79 20.06 -7.88
CA LEU B 40 21.04 19.86 -9.13
C LEU B 40 19.66 20.53 -9.10
N ALA B 41 19.05 20.59 -7.92
CA ALA B 41 17.74 21.22 -7.74
C ALA B 41 17.83 22.74 -7.82
N SER B 42 18.99 23.29 -7.45
CA SER B 42 19.25 24.72 -7.57
C SER B 42 19.27 25.13 -9.04
N TYR B 43 19.97 24.35 -9.87
CA TYR B 43 20.01 24.59 -11.31
C TYR B 43 18.68 24.23 -11.99
N MET B 44 17.92 23.34 -11.35
CA MET B 44 16.55 23.03 -11.78
C MET B 44 15.65 24.23 -11.53
N GLY B 45 16.02 25.03 -10.52
CA GLY B 45 15.28 26.23 -10.15
C GLY B 45 15.71 27.46 -10.92
N ARG B 46 17.03 27.65 -11.06
CA ARG B 46 17.60 28.82 -11.76
C ARG B 46 17.26 28.83 -13.25
N ALA B 47 17.17 27.65 -13.85
CA ALA B 47 16.86 27.52 -15.27
C ALA B 47 15.38 27.77 -15.58
N THR B 48 14.51 27.38 -14.64
CA THR B 48 13.08 27.62 -14.76
C THR B 48 12.77 29.09 -14.53
N GLU B 49 13.51 29.70 -13.60
CA GLU B 49 13.31 31.11 -13.24
C GLU B 49 13.72 32.06 -14.37
N SER B 50 14.55 31.55 -15.29
CA SER B 50 15.01 32.31 -16.46
C SER B 50 14.19 31.99 -17.71
N LEU B 51 13.73 30.76 -17.82
CA LEU B 51 12.90 30.30 -18.94
C LEU B 51 11.57 31.04 -19.00
N SER B 52 10.98 31.27 -17.84
CA SER B 52 9.71 31.99 -17.72
C SER B 52 9.87 33.48 -18.02
N ILE B 53 10.99 34.06 -17.58
CA ILE B 53 11.30 35.47 -17.82
C ILE B 53 12.37 35.59 -18.91
N GLY B 60 4.92 31.07 -19.84
CA GLY B 60 5.62 29.82 -19.56
C GLY B 60 5.30 29.27 -18.17
N GLY B 61 4.01 29.33 -17.80
CA GLY B 61 3.55 28.84 -16.50
C GLY B 61 3.33 27.35 -16.45
N LEU B 62 3.31 26.72 -17.63
CA LEU B 62 3.14 25.26 -17.75
C LEU B 62 4.41 24.54 -17.33
N LEU B 63 5.56 25.02 -17.81
CA LEU B 63 6.86 24.47 -17.45
C LEU B 63 7.31 24.97 -16.06
N ASN B 64 6.69 26.04 -15.60
CA ASN B 64 6.92 26.60 -14.27
C ASN B 64 6.43 25.66 -13.16
N ALA B 65 5.20 25.16 -13.31
CA ALA B 65 4.59 24.27 -12.34
C ALA B 65 5.21 22.87 -12.37
N THR B 66 5.87 22.55 -13.48
CA THR B 66 6.49 21.24 -13.67
C THR B 66 7.97 21.27 -13.28
N PHE B 67 8.74 22.16 -13.90
CA PHE B 67 10.19 22.23 -13.66
C PHE B 67 10.58 23.14 -12.49
N GLY B 68 9.59 23.61 -11.75
CA GLY B 68 9.82 24.31 -10.49
C GLY B 68 9.74 23.34 -9.32
N ASN B 69 9.09 22.20 -9.57
CA ASN B 69 8.97 21.11 -8.60
C ASN B 69 9.33 19.78 -9.25
N ALA B 70 10.26 19.83 -10.20
CA ALA B 70 10.65 18.68 -11.01
C ALA B 70 11.25 17.55 -10.21
N VAL B 71 12.22 17.87 -9.35
CA VAL B 71 12.87 16.86 -8.50
C VAL B 71 11.86 16.20 -7.57
N GLU B 72 11.02 17.01 -6.93
CA GLU B 72 9.93 16.51 -6.11
C GLU B 72 9.03 15.56 -6.90
N LEU B 73 8.65 15.94 -8.12
CA LEU B 73 7.94 15.02 -9.00
C LEU B 73 8.71 13.74 -9.25
N ILE B 74 9.97 13.88 -9.68
CA ILE B 74 10.80 12.74 -10.10
C ILE B 74 11.07 11.75 -8.96
N ILE B 75 11.47 12.27 -7.79
CA ILE B 75 11.68 11.43 -6.61
C ILE B 75 10.39 10.65 -6.30
N SER B 76 9.27 11.35 -6.33
CA SER B 76 7.95 10.75 -6.10
C SER B 76 7.57 9.76 -7.21
N MET B 77 7.75 10.18 -8.47
CA MET B 77 7.46 9.35 -9.64
C MET B 77 8.05 7.96 -9.50
N PHE B 78 9.32 7.91 -9.10
CA PHE B 78 10.06 6.65 -8.98
C PHE B 78 9.87 5.95 -7.65
N ALA B 79 9.38 6.68 -6.65
CA ALA B 79 9.00 6.10 -5.36
C ALA B 79 7.72 5.27 -5.50
N LEU B 80 6.87 5.65 -6.46
CA LEU B 80 5.69 4.87 -6.83
C LEU B 80 6.09 3.51 -7.44
N LYS B 81 7.18 3.49 -8.20
CA LYS B 81 7.71 2.26 -8.81
C LYS B 81 8.11 1.23 -7.76
N GLU B 82 8.82 1.67 -6.72
CA GLU B 82 9.22 0.76 -5.66
C GLU B 82 8.15 0.60 -4.57
N GLY B 83 6.93 1.02 -4.88
CA GLY B 83 5.76 0.77 -4.04
C GLY B 83 5.67 1.60 -2.77
N LEU B 84 6.72 2.39 -2.50
CA LEU B 84 6.75 3.26 -1.31
C LEU B 84 5.87 4.49 -1.48
N THR B 85 4.57 4.30 -1.27
CA THR B 85 3.60 5.38 -1.35
C THR B 85 3.67 6.28 -0.13
N GLY B 86 4.02 5.70 1.02
CA GLY B 86 4.21 6.45 2.26
C GLY B 86 5.26 7.56 2.16
N ILE B 87 6.27 7.35 1.31
CA ILE B 87 7.31 8.34 1.06
C ILE B 87 6.79 9.49 0.18
N VAL B 88 6.04 9.14 -0.86
CA VAL B 88 5.46 10.14 -1.77
C VAL B 88 4.63 11.11 -0.96
N LEU B 89 3.70 10.58 -0.17
CA LEU B 89 2.82 11.41 0.65
C LEU B 89 3.61 12.23 1.66
N ALA B 90 4.54 11.57 2.35
CA ALA B 90 5.44 12.22 3.31
C ALA B 90 6.14 13.44 2.71
N SER B 91 6.69 13.26 1.51
CA SER B 91 7.41 14.32 0.80
C SER B 91 6.51 15.46 0.30
N LEU B 92 5.26 15.16 -0.01
CA LEU B 92 4.31 16.19 -0.44
C LEU B 92 3.85 17.05 0.73
N THR B 93 3.62 16.42 1.89
CA THR B 93 3.37 17.14 3.14
C THR B 93 4.52 18.11 3.37
N GLY B 94 5.74 17.56 3.38
CA GLY B 94 6.95 18.34 3.64
C GLY B 94 7.26 19.40 2.61
N SER B 95 6.69 19.25 1.42
CA SER B 95 6.85 20.24 0.36
C SER B 95 6.12 21.52 0.75
N VAL B 96 4.80 21.45 0.93
CA VAL B 96 4.02 22.62 1.38
C VAL B 96 4.48 23.07 2.77
N LEU B 97 4.77 22.11 3.65
CA LEU B 97 5.36 22.42 4.96
C LEU B 97 6.67 23.18 4.83
N GLY B 98 7.50 22.74 3.88
CA GLY B 98 8.81 23.32 3.62
C GLY B 98 8.78 24.72 3.03
N ASN B 99 7.98 24.92 1.98
CA ASN B 99 7.98 26.23 1.32
C ASN B 99 6.98 27.25 1.88
N LEU B 100 6.04 26.81 2.71
CA LEU B 100 5.20 27.74 3.47
C LEU B 100 5.88 28.22 4.74
N LEU B 101 6.64 27.34 5.40
CA LEU B 101 7.24 27.67 6.70
C LEU B 101 8.75 27.95 6.67
N LEU B 102 9.51 27.07 6.02
CA LEU B 102 10.97 27.16 6.03
C LEU B 102 11.52 28.26 5.13
N VAL B 103 11.12 28.26 3.85
CA VAL B 103 11.69 29.18 2.88
C VAL B 103 11.15 30.61 3.05
N ALA B 104 9.85 30.72 3.29
CA ALA B 104 9.20 32.00 3.54
C ALA B 104 9.66 32.56 4.89
N GLY B 105 9.70 31.70 5.90
CA GLY B 105 10.24 32.06 7.21
C GLY B 105 11.66 32.59 7.11
N LEU B 106 12.49 31.90 6.32
CA LEU B 106 13.88 32.32 6.06
C LEU B 106 13.95 33.58 5.20
N SER B 107 12.96 33.74 4.32
CA SER B 107 12.85 34.94 3.50
C SER B 107 12.50 36.15 4.37
N PHE B 108 11.50 35.99 5.24
CA PHE B 108 11.09 37.05 6.16
C PHE B 108 12.15 37.37 7.20
N PHE B 109 12.93 36.36 7.58
CA PHE B 109 14.00 36.49 8.58
C PHE B 109 15.15 37.34 8.05
N VAL B 110 15.34 37.32 6.73
CA VAL B 110 16.41 38.04 6.06
C VAL B 110 15.89 39.34 5.42
N GLY B 111 14.69 39.28 4.85
CA GLY B 111 14.01 40.47 4.33
C GLY B 111 13.64 41.45 5.42
N GLY B 112 13.69 40.98 6.67
CA GLY B 112 13.52 41.82 7.85
C GLY B 112 14.83 42.01 8.60
N LEU B 113 15.93 41.54 8.00
CA LEU B 113 17.26 41.70 8.57
C LEU B 113 17.94 42.95 8.00
N LYS B 114 17.16 43.79 7.32
CA LYS B 114 17.68 45.01 6.68
C LYS B 114 16.80 46.24 6.92
N TYR B 115 15.52 46.15 6.56
CA TYR B 115 14.58 47.28 6.66
C TYR B 115 13.61 47.12 7.82
N ALA B 116 13.56 45.92 8.40
CA ALA B 116 12.62 45.55 9.46
C ALA B 116 11.15 45.64 9.04
N ARG B 117 10.92 45.94 7.76
CA ARG B 117 9.56 46.01 7.21
C ARG B 117 9.58 45.88 5.68
N GLN B 118 8.75 44.99 5.16
CA GLN B 118 8.53 44.85 3.72
C GLN B 118 7.05 45.10 3.40
N GLU B 119 6.73 45.24 2.12
CA GLU B 119 5.37 45.59 1.72
C GLU B 119 4.74 44.55 0.77
N PHE B 120 3.49 44.22 1.02
CA PHE B 120 2.71 43.10 0.48
C PHE B 120 2.22 43.50 -0.89
N ASN B 121 1.32 42.71 -1.49
CA ASN B 121 0.19 43.21 -2.21
C ASN B 121 -1.17 42.78 -1.81
N ILE B 122 -1.98 43.65 -1.22
CA ILE B 122 -3.02 43.06 -0.45
C ILE B 122 -3.73 42.00 -1.24
N HIS B 123 -4.41 42.41 -2.30
CA HIS B 123 -5.26 41.46 -3.04
C HIS B 123 -4.61 40.12 -3.25
N ASP B 124 -3.33 40.13 -3.59
CA ASP B 124 -2.58 38.93 -3.95
C ASP B 124 -2.41 37.94 -2.80
N ALA B 125 -2.24 38.48 -1.59
CA ALA B 125 -2.06 37.65 -0.39
C ALA B 125 -3.36 37.03 0.09
N ARG B 126 -4.43 37.83 0.11
CA ARG B 126 -5.75 37.39 0.59
C ARG B 126 -6.41 36.37 -0.34
N HIS B 127 -6.26 36.57 -1.65
CA HIS B 127 -6.82 35.66 -2.65
C HIS B 127 -6.17 34.30 -2.59
N ASN B 128 -4.84 34.29 -2.56
CA ASN B 128 -4.07 33.06 -2.40
C ASN B 128 -4.38 32.35 -1.07
N SER B 129 -4.66 33.13 -0.04
CA SER B 129 -5.05 32.62 1.27
C SER B 129 -6.34 31.80 1.21
N GLY B 130 -7.32 32.33 0.46
CA GLY B 130 -8.55 31.61 0.17
C GLY B 130 -8.29 30.32 -0.57
N LEU B 131 -7.43 30.38 -1.58
CA LEU B 131 -7.07 29.19 -2.35
C LEU B 131 -6.30 28.16 -1.52
N LEU B 132 -5.39 28.61 -0.67
CA LEU B 132 -4.66 27.71 0.23
C LEU B 132 -5.60 26.90 1.12
N ILE B 133 -6.62 27.55 1.67
CA ILE B 133 -7.62 26.87 2.48
C ILE B 133 -8.35 25.83 1.63
N PHE B 134 -8.85 26.24 0.46
CA PHE B 134 -9.48 25.30 -0.46
C PHE B 134 -8.54 24.13 -0.81
N ALA B 135 -7.32 24.46 -1.24
CA ALA B 135 -6.33 23.46 -1.63
C ALA B 135 -6.00 22.44 -0.55
N ILE B 136 -5.78 22.92 0.68
CA ILE B 136 -5.39 22.02 1.77
C ILE B 136 -6.53 21.68 2.73
N ILE B 137 -7.13 22.69 3.37
CA ILE B 137 -8.19 22.47 4.37
C ILE B 137 -9.42 21.73 3.82
N VAL B 138 -9.62 21.80 2.50
CA VAL B 138 -10.67 21.03 1.86
C VAL B 138 -10.11 19.81 1.11
N ALA B 139 -9.37 20.06 0.03
CA ALA B 139 -8.97 18.99 -0.90
C ALA B 139 -8.00 17.95 -0.35
N PHE B 140 -7.37 18.25 0.79
CA PHE B 140 -6.51 17.27 1.47
C PHE B 140 -7.16 16.73 2.74
N VAL B 141 -7.94 17.56 3.42
CA VAL B 141 -8.55 17.17 4.69
C VAL B 141 -9.78 16.28 4.49
N ILE B 142 -10.68 16.69 3.60
CA ILE B 142 -11.90 15.92 3.31
C ILE B 142 -11.62 14.48 2.84
N PRO B 143 -10.66 14.27 1.91
CA PRO B 143 -10.35 12.87 1.58
C PRO B 143 -9.80 12.09 2.77
N GLU B 144 -9.03 12.76 3.63
CA GLU B 144 -8.43 12.12 4.80
C GLU B 144 -9.47 11.69 5.83
N VAL B 145 -10.36 12.59 6.21
CA VAL B 145 -11.36 12.30 7.24
C VAL B 145 -12.47 11.38 6.72
N PHE B 146 -12.77 11.46 5.43
CA PHE B 146 -13.79 10.61 4.80
C PHE B 146 -13.30 9.17 4.58
N SER B 147 -11.98 8.97 4.54
CA SER B 147 -11.38 7.69 4.18
C SER B 147 -11.46 6.58 5.23
N VAL B 148 -11.93 6.93 6.43
CA VAL B 148 -11.99 5.97 7.55
C VAL B 148 -13.01 4.83 7.29
N GLY B 149 -14.21 5.20 6.86
CA GLY B 149 -15.24 4.21 6.55
C GLY B 149 -15.26 3.83 5.07
N MET B 150 -14.09 3.51 4.51
CA MET B 150 -13.97 3.24 3.08
C MET B 150 -13.08 2.06 2.74
N GLY B 151 -13.48 1.30 1.73
CA GLY B 151 -12.64 0.28 1.10
C GLY B 151 -11.78 0.96 0.04
N ASN B 152 -10.81 0.22 -0.50
CA ASN B 152 -9.79 0.84 -1.38
C ASN B 152 -10.33 1.44 -2.67
N ALA B 153 -11.30 0.77 -3.29
CA ALA B 153 -11.89 1.24 -4.54
C ALA B 153 -12.47 2.64 -4.38
N SER B 154 -13.18 2.86 -3.28
CA SER B 154 -13.82 4.14 -2.99
C SER B 154 -12.82 5.25 -2.69
N LYS B 155 -11.80 4.92 -1.89
CA LYS B 155 -10.71 5.86 -1.56
C LYS B 155 -9.98 6.31 -2.80
N LEU B 156 -9.64 5.34 -3.66
CA LEU B 156 -8.97 5.59 -4.93
C LEU B 156 -9.83 6.46 -5.86
N ASN B 157 -11.12 6.12 -5.98
CA ASN B 157 -12.04 6.91 -6.80
C ASN B 157 -12.21 8.35 -6.32
N LEU B 158 -12.35 8.53 -5.01
CA LEU B 158 -12.52 9.85 -4.41
C LEU B 158 -11.34 10.78 -4.69
N SER B 159 -10.14 10.27 -4.50
CA SER B 159 -8.92 11.02 -4.80
C SER B 159 -8.86 11.42 -6.27
N ILE B 160 -9.04 10.45 -7.17
CA ILE B 160 -9.08 10.70 -8.61
C ILE B 160 -10.12 11.75 -8.98
N GLY B 161 -11.29 11.69 -8.33
CA GLY B 161 -12.32 12.71 -8.49
C GLY B 161 -11.87 14.09 -8.08
N ILE B 162 -11.25 14.18 -6.90
CA ILE B 162 -10.66 15.43 -6.39
C ILE B 162 -9.51 15.87 -7.29
N SER B 163 -8.59 14.94 -7.54
CA SER B 163 -7.38 15.21 -8.32
C SER B 163 -7.66 15.91 -9.65
N ILE B 164 -8.54 15.33 -10.46
CA ILE B 164 -8.89 15.89 -11.76
C ILE B 164 -9.45 17.32 -11.67
N ILE B 165 -10.43 17.53 -10.79
CA ILE B 165 -11.07 18.85 -10.66
C ILE B 165 -10.13 19.91 -10.04
N MET B 166 -9.15 19.46 -9.26
CA MET B 166 -8.10 20.34 -8.77
C MET B 166 -7.19 20.79 -9.90
N ILE B 167 -6.83 19.86 -10.78
CA ILE B 167 -6.05 20.17 -11.99
C ILE B 167 -6.85 21.07 -12.93
N LEU B 168 -8.15 20.78 -13.08
CA LEU B 168 -9.05 21.63 -13.84
C LEU B 168 -9.06 23.05 -13.26
N LEU B 169 -9.22 23.15 -11.95
CA LEU B 169 -9.28 24.44 -11.27
C LEU B 169 -7.91 25.13 -11.16
N TYR B 170 -6.84 24.38 -11.43
CA TYR B 170 -5.51 24.97 -11.57
C TYR B 170 -5.27 25.46 -13.01
N VAL B 171 -5.83 24.73 -13.98
CA VAL B 171 -5.82 25.15 -15.37
C VAL B 171 -6.66 26.42 -15.57
N ALA B 172 -7.81 26.46 -14.91
CA ALA B 172 -8.68 27.65 -14.92
C ALA B 172 -8.01 28.86 -14.26
N ALA B 173 -7.24 28.60 -13.19
CA ALA B 173 -6.48 29.64 -12.49
C ALA B 173 -5.37 30.24 -13.36
N LEU B 174 -4.88 29.46 -14.32
CA LEU B 174 -3.81 29.90 -15.21
C LEU B 174 -4.39 30.57 -16.46
N TYR B 175 -5.43 29.98 -17.03
CA TYR B 175 -6.01 30.45 -18.30
C TYR B 175 -6.86 31.72 -18.20
N PHE B 176 -7.35 32.02 -17.00
CA PHE B 176 -8.24 33.16 -16.81
C PHE B 176 -7.79 34.12 -15.71
N LYS B 177 -7.48 33.58 -14.53
CA LYS B 177 -6.99 34.40 -13.42
C LYS B 177 -5.57 34.92 -13.68
N LEU B 178 -4.66 34.00 -14.00
CA LEU B 178 -3.27 34.35 -14.26
C LEU B 178 -3.00 34.50 -15.75
N SER B 202 22.04 32.97 -20.06
CA SER B 202 20.98 32.65 -19.09
C SER B 202 19.67 32.30 -19.79
N GLY B 203 19.52 32.76 -21.04
CA GLY B 203 18.34 32.46 -21.85
C GLY B 203 18.52 31.19 -22.68
N LYS B 204 19.74 31.00 -23.18
CA LYS B 204 20.06 29.85 -24.03
C LYS B 204 20.60 28.67 -23.22
N VAL B 205 21.27 28.97 -22.11
CA VAL B 205 21.89 27.95 -21.27
C VAL B 205 20.88 27.24 -20.35
N ALA B 206 19.74 27.88 -20.11
CA ALA B 206 18.71 27.37 -19.20
C ALA B 206 18.01 26.12 -19.73
N THR B 207 17.57 26.17 -20.98
CA THR B 207 16.81 25.07 -21.59
C THR B 207 17.63 23.76 -21.71
N ILE B 208 18.90 23.89 -22.10
CA ILE B 208 19.79 22.74 -22.27
C ILE B 208 20.19 22.10 -20.92
N VAL B 209 20.42 22.93 -19.92
CA VAL B 209 20.79 22.44 -18.58
C VAL B 209 19.63 21.72 -17.88
N LEU B 210 18.39 22.06 -18.27
CA LEU B 210 17.20 21.36 -17.78
C LEU B 210 17.17 19.92 -18.29
N PHE B 211 17.54 19.74 -19.56
CA PHE B 211 17.66 18.40 -20.15
C PHE B 211 18.69 17.56 -19.41
N ALA B 212 19.83 18.16 -19.10
CA ALA B 212 20.92 17.45 -18.42
C ALA B 212 20.59 17.16 -16.96
N ALA B 213 20.20 18.19 -16.22
CA ALA B 213 19.95 18.07 -14.77
C ALA B 213 18.75 17.19 -14.40
N THR B 214 17.80 17.03 -15.32
CA THR B 214 16.66 16.15 -15.09
C THR B 214 17.09 14.68 -15.13
N ILE B 215 17.83 14.30 -16.17
CA ILE B 215 18.29 12.93 -16.37
C ILE B 215 19.11 12.45 -15.16
N VAL B 216 20.05 13.27 -14.71
CA VAL B 216 20.93 12.94 -13.58
C VAL B 216 20.12 12.78 -12.29
N VAL B 217 19.17 13.68 -12.07
CA VAL B 217 18.23 13.56 -10.94
C VAL B 217 17.51 12.21 -11.01
N ALA B 218 16.96 11.90 -12.19
CA ALA B 218 16.21 10.66 -12.42
C ALA B 218 16.99 9.38 -12.12
N TYR B 219 18.25 9.35 -12.48
CA TYR B 219 19.05 8.17 -12.25
C TYR B 219 19.36 8.02 -10.78
N ILE B 220 19.77 9.09 -10.17
CA ILE B 220 20.02 9.09 -8.73
C ILE B 220 18.73 8.77 -7.97
N SER B 221 17.60 9.25 -8.48
CA SER B 221 16.29 9.01 -7.88
C SER B 221 15.98 7.51 -7.75
N GLU B 222 16.25 6.75 -8.81
CA GLU B 222 16.11 5.29 -8.78
C GLU B 222 16.87 4.67 -7.63
N ASN B 223 18.13 5.06 -7.48
CA ASN B 223 19.01 4.48 -6.48
C ASN B 223 18.78 5.00 -5.06
N LEU B 224 18.37 6.26 -4.94
CA LEU B 224 18.06 6.85 -3.64
C LEU B 224 16.81 6.24 -3.01
N VAL B 225 15.81 5.92 -3.85
CA VAL B 225 14.58 5.28 -3.40
C VAL B 225 14.85 3.89 -2.82
N HIS B 226 15.80 3.17 -3.42
CA HIS B 226 16.19 1.84 -2.95
C HIS B 226 17.03 1.86 -1.69
N THR B 227 17.31 3.05 -1.17
CA THR B 227 18.16 3.21 0.02
C THR B 227 17.38 3.65 1.26
N PHE B 228 16.17 4.15 1.06
CA PHE B 228 15.35 4.69 2.14
C PHE B 228 15.06 3.69 3.26
N HIS B 229 14.82 2.44 2.88
CA HIS B 229 14.36 1.40 3.81
C HIS B 229 15.46 0.92 4.72
N SER B 230 16.71 1.20 4.36
CA SER B 230 17.87 0.75 5.11
C SER B 230 18.48 1.87 5.97
N VAL B 231 18.23 3.11 5.57
CA VAL B 231 18.59 4.28 6.37
C VAL B 231 17.75 4.30 7.65
N ALA B 232 16.49 3.91 7.51
CA ALA B 232 15.56 3.77 8.63
C ALA B 232 16.02 2.68 9.61
N GLU B 233 16.63 1.63 9.06
CA GLU B 233 17.13 0.52 9.87
C GLU B 233 18.36 0.88 10.70
N GLN B 234 19.34 1.53 10.06
CA GLN B 234 20.62 1.85 10.69
C GLN B 234 20.52 2.89 11.82
N PHE B 235 20.18 4.12 11.45
CA PHE B 235 20.17 5.24 12.40
C PHE B 235 18.89 5.34 13.25
N GLY B 236 17.89 4.51 12.93
CA GLY B 236 16.61 4.53 13.64
C GLY B 236 15.82 5.77 13.31
N TRP B 237 15.65 6.03 12.02
CA TRP B 237 14.96 7.21 11.54
C TRP B 237 13.64 6.84 10.93
N SER B 238 12.63 7.67 11.14
CA SER B 238 11.28 7.40 10.64
C SER B 238 11.23 7.53 9.12
N GLU B 239 10.40 6.71 8.49
CA GLU B 239 10.16 6.79 7.04
C GLU B 239 9.40 8.07 6.69
N LEU B 240 8.67 8.60 7.67
CA LEU B 240 8.03 9.92 7.54
C LEU B 240 9.09 11.01 7.59
N PHE B 241 9.98 10.91 8.58
CA PHE B 241 11.01 11.93 8.81
C PHE B 241 11.89 12.14 7.59
N ILE B 242 12.23 11.05 6.91
CA ILE B 242 13.00 11.12 5.68
C ILE B 242 12.22 11.88 4.61
N GLY B 243 10.95 11.53 4.44
CA GLY B 243 10.08 12.16 3.44
C GLY B 243 9.72 13.61 3.74
N VAL B 244 9.08 13.84 4.89
CA VAL B 244 8.60 15.18 5.27
C VAL B 244 9.74 16.18 5.47
N ILE B 245 10.92 15.72 5.89
CA ILE B 245 12.03 16.63 6.15
C ILE B 245 13.15 16.55 5.10
N ILE B 246 13.86 15.43 5.01
CA ILE B 246 15.04 15.32 4.15
C ILE B 246 14.71 15.37 2.66
N VAL B 247 13.84 14.46 2.20
CA VAL B 247 13.43 14.42 0.79
C VAL B 247 12.77 15.74 0.38
N ALA B 248 12.02 16.33 1.30
CA ALA B 248 11.34 17.60 1.05
C ALA B 248 12.29 18.79 0.94
N ILE B 249 13.32 18.83 1.80
CA ILE B 249 14.36 19.87 1.74
C ILE B 249 15.17 19.73 0.44
N VAL B 250 15.71 18.54 0.22
CA VAL B 250 16.50 18.25 -0.98
C VAL B 250 15.67 18.55 -2.24
N GLY B 251 14.40 18.22 -2.27
CA GLY B 251 13.64 18.51 -3.47
C GLY B 251 13.00 19.86 -3.59
N ASN B 252 12.02 20.18 -2.77
CA ASN B 252 11.43 21.51 -2.88
C ASN B 252 12.27 22.66 -2.36
N ALA B 253 12.73 22.57 -1.11
CA ALA B 253 13.43 23.69 -0.46
C ALA B 253 14.64 24.19 -1.25
N ALA B 254 15.32 23.28 -1.94
CA ALA B 254 16.46 23.63 -2.79
C ALA B 254 16.04 24.30 -4.09
N GLU B 255 14.99 23.77 -4.74
CA GLU B 255 14.45 24.37 -5.97
C GLU B 255 13.88 25.76 -5.70
N HIS B 256 13.42 25.97 -4.47
CA HIS B 256 12.74 27.22 -4.11
C HIS B 256 13.57 28.09 -3.20
N ALA B 257 14.89 27.86 -3.21
CA ALA B 257 15.84 28.67 -2.44
C ALA B 257 15.94 30.11 -2.96
N SER B 258 15.48 30.32 -4.19
CA SER B 258 15.54 31.62 -4.86
C SER B 258 14.73 32.71 -4.15
N ALA B 259 13.77 32.31 -3.33
CA ALA B 259 12.93 33.25 -2.57
C ALA B 259 13.71 33.99 -1.50
N ILE B 260 14.70 33.33 -0.90
CA ILE B 260 15.56 33.95 0.11
C ILE B 260 16.45 35.05 -0.49
N ILE B 261 16.70 34.95 -1.81
CA ILE B 261 17.44 35.97 -2.54
C ILE B 261 16.56 37.22 -2.75
N MET B 262 15.35 37.01 -3.29
CA MET B 262 14.37 38.10 -3.47
C MET B 262 14.02 38.79 -2.16
N ALA B 263 14.28 38.11 -1.04
CA ALA B 263 14.03 38.64 0.29
C ALA B 263 14.89 39.85 0.63
N PHE B 264 16.21 39.70 0.46
CA PHE B 264 17.17 40.77 0.76
C PHE B 264 17.10 41.88 -0.28
N LYS B 265 16.75 41.53 -1.52
CA LYS B 265 16.67 42.50 -2.61
C LYS B 265 15.44 43.43 -2.51
N ASN B 266 14.72 43.34 -1.39
CA ASN B 266 13.44 44.04 -1.18
C ASN B 266 12.37 43.72 -2.24
N LYS B 267 12.54 42.60 -2.93
CA LYS B 267 11.57 42.10 -3.91
C LYS B 267 10.76 40.97 -3.25
N MET B 268 10.23 41.31 -2.07
CA MET B 268 9.49 40.39 -1.21
C MET B 268 8.24 39.85 -1.88
N ASP B 269 7.58 40.70 -2.66
CA ASP B 269 6.35 40.35 -3.37
C ASP B 269 6.55 39.16 -4.30
N ILE B 270 7.73 39.06 -4.90
CA ILE B 270 8.11 37.91 -5.73
C ILE B 270 8.38 36.68 -4.86
N ALA B 271 9.14 36.89 -3.77
CA ALA B 271 9.56 35.82 -2.87
C ALA B 271 8.42 35.08 -2.17
N VAL B 272 7.32 35.80 -1.91
CA VAL B 272 6.15 35.21 -1.26
C VAL B 272 5.25 34.51 -2.29
N GLU B 273 5.32 34.95 -3.54
CA GLU B 273 4.71 34.22 -4.64
C GLU B 273 5.42 32.88 -4.86
N ILE B 274 6.73 32.87 -4.61
CA ILE B 274 7.52 31.63 -4.66
C ILE B 274 7.11 30.70 -3.51
N ALA B 275 6.78 31.30 -2.36
CA ALA B 275 6.33 30.57 -1.19
C ALA B 275 4.92 30.00 -1.36
N VAL B 276 4.01 30.79 -1.94
CA VAL B 276 2.61 30.39 -2.02
C VAL B 276 2.24 29.79 -3.38
N GLY B 277 2.71 30.40 -4.46
CA GLY B 277 2.50 29.87 -5.81
C GLY B 277 2.93 28.43 -5.95
N SER B 278 4.10 28.10 -5.39
CA SER B 278 4.63 26.72 -5.36
C SER B 278 3.69 25.81 -4.57
N THR B 279 3.41 26.19 -3.32
CA THR B 279 2.49 25.45 -2.44
C THR B 279 1.18 25.16 -3.15
N LEU B 280 0.60 26.17 -3.80
CA LEU B 280 -0.67 26.02 -4.51
C LEU B 280 -0.57 25.05 -5.68
N GLN B 281 0.63 24.91 -6.24
CA GLN B 281 0.83 24.02 -7.39
C GLN B 281 1.31 22.63 -6.95
N ILE B 282 1.74 22.51 -5.70
CA ILE B 282 2.05 21.22 -5.10
C ILE B 282 0.75 20.48 -4.79
N ALA B 283 -0.21 21.23 -4.27
CA ALA B 283 -1.50 20.69 -3.82
C ALA B 283 -2.50 20.55 -4.96
N MET B 284 -2.49 21.49 -5.91
CA MET B 284 -3.47 21.47 -7.01
C MET B 284 -2.93 20.86 -8.31
N PHE B 285 -1.62 20.59 -8.35
CA PHE B 285 -1.01 20.06 -9.56
C PHE B 285 -0.12 18.85 -9.29
N VAL B 286 0.95 19.04 -8.50
CA VAL B 286 1.93 17.98 -8.26
C VAL B 286 1.30 16.72 -7.65
N ALA B 287 0.63 16.88 -6.51
CA ALA B 287 0.03 15.74 -5.80
C ALA B 287 -1.09 15.04 -6.58
N PRO B 288 -2.03 15.81 -7.19
CA PRO B 288 -3.06 15.19 -8.03
C PRO B 288 -2.49 14.33 -9.16
N VAL B 289 -1.60 14.92 -9.97
CA VAL B 289 -0.95 14.22 -11.08
C VAL B 289 -0.37 12.88 -10.61
N LEU B 290 0.34 12.91 -9.47
CA LEU B 290 0.97 11.73 -8.90
C LEU B 290 -0.04 10.64 -8.49
N VAL B 291 -1.22 11.06 -8.04
CA VAL B 291 -2.31 10.13 -7.73
C VAL B 291 -2.75 9.44 -9.03
N ILE B 292 -3.01 10.25 -10.06
CA ILE B 292 -3.34 9.75 -11.40
C ILE B 292 -2.27 8.79 -11.91
N CYS B 293 -1.00 9.16 -11.78
CA CYS B 293 0.11 8.32 -12.27
C CYS B 293 0.18 6.96 -11.60
N SER B 294 -0.07 6.92 -10.28
CA SER B 294 0.05 5.70 -9.49
C SER B 294 -0.89 4.58 -9.96
N ILE B 295 -2.09 4.95 -10.41
CA ILE B 295 -3.09 3.97 -10.84
C ILE B 295 -2.61 3.16 -12.05
N PHE B 296 -1.64 3.71 -12.76
CA PHE B 296 -1.01 3.03 -13.89
C PHE B 296 0.09 2.07 -13.44
N PHE B 297 0.70 2.35 -12.31
CA PHE B 297 1.63 1.41 -11.76
C PHE B 297 1.83 1.51 -10.31
N PRO B 298 1.95 0.37 -9.67
CA PRO B 298 1.19 -0.81 -10.00
C PRO B 298 -0.24 -0.50 -9.58
N THR B 299 -0.34 0.16 -8.45
CA THR B 299 -1.65 0.54 -7.99
C THR B 299 -1.62 1.77 -7.12
N SER B 300 -2.78 2.39 -7.02
CA SER B 300 -3.00 3.79 -6.76
C SER B 300 -2.52 4.29 -5.43
N MET B 301 -2.21 5.57 -5.36
CA MET B 301 -2.02 6.22 -4.09
C MET B 301 -3.13 7.21 -3.92
N PRO B 302 -4.01 6.97 -2.97
CA PRO B 302 -5.08 7.91 -2.64
C PRO B 302 -4.54 9.06 -1.77
N LEU B 303 -5.18 10.22 -1.82
CA LEU B 303 -4.77 11.36 -0.98
C LEU B 303 -5.13 11.10 0.48
N VAL B 304 -4.35 10.24 1.13
CA VAL B 304 -4.60 9.85 2.52
C VAL B 304 -3.36 10.05 3.40
N PHE B 305 -3.18 11.28 3.86
CA PHE B 305 -2.05 11.62 4.72
C PHE B 305 -2.35 11.22 6.17
N THR B 306 -1.31 10.85 6.90
CA THR B 306 -1.42 10.56 8.33
C THR B 306 -1.87 11.83 9.07
N LEU B 307 -2.49 11.65 10.23
CA LEU B 307 -3.03 12.79 11.00
C LEU B 307 -1.98 13.87 11.24
N PRO B 308 -0.81 13.51 11.81
CA PRO B 308 0.31 14.46 11.97
C PRO B 308 0.63 15.26 10.70
N GLU B 309 0.64 14.60 9.55
CA GLU B 309 0.89 15.26 8.26
C GLU B 309 -0.17 16.29 7.92
N LEU B 310 -1.42 15.98 8.24
CA LEU B 310 -2.55 16.85 7.93
C LEU B 310 -2.56 18.06 8.84
N VAL B 311 -2.49 17.82 10.15
CA VAL B 311 -2.52 18.90 11.13
C VAL B 311 -1.36 19.87 10.86
N ALA B 312 -0.18 19.32 10.59
CA ALA B 312 0.99 20.12 10.20
C ALA B 312 0.67 21.09 9.06
N MET B 313 0.05 20.58 7.99
CA MET B 313 -0.29 21.40 6.83
C MET B 313 -1.30 22.51 7.12
N VAL B 314 -2.40 22.19 7.80
CA VAL B 314 -3.43 23.22 8.10
C VAL B 314 -2.93 24.23 9.13
N SER B 315 -2.15 23.76 10.11
CA SER B 315 -1.49 24.67 11.07
C SER B 315 -0.58 25.66 10.37
N ALA B 316 0.15 25.19 9.35
CA ALA B 316 1.06 26.02 8.54
C ALA B 316 0.28 27.03 7.71
N VAL B 317 -0.77 26.56 7.05
CA VAL B 317 -1.62 27.44 6.23
C VAL B 317 -2.17 28.56 7.10
N LEU B 318 -2.80 28.20 8.23
CA LEU B 318 -3.34 29.19 9.17
C LEU B 318 -2.25 30.20 9.56
N LEU B 319 -1.07 29.70 9.92
CA LEU B 319 0.06 30.57 10.23
C LEU B 319 0.47 31.47 9.07
N MET B 320 0.42 30.94 7.84
CA MET B 320 0.75 31.73 6.66
C MET B 320 -0.27 32.84 6.39
N ILE B 321 -1.57 32.49 6.48
CA ILE B 321 -2.65 33.48 6.30
C ILE B 321 -2.50 34.63 7.31
N ALA B 322 -2.23 34.27 8.54
CA ALA B 322 -2.06 35.24 9.58
C ALA B 322 -0.87 36.12 9.36
N ILE B 323 0.23 35.54 8.95
CA ILE B 323 1.39 36.34 8.67
C ILE B 323 1.14 37.23 7.49
N SER B 324 0.37 36.72 6.56
CA SER B 324 0.27 37.27 5.23
C SER B 324 -0.28 38.69 5.11
N ASN B 325 -1.33 39.03 5.82
CA ASN B 325 -1.77 40.41 5.80
C ASN B 325 -0.82 41.43 6.44
N ASP B 326 -0.17 41.02 7.51
CA ASP B 326 0.48 41.93 8.41
C ASP B 326 1.63 42.75 7.95
N GLY B 327 2.63 42.14 7.33
CA GLY B 327 3.76 42.91 6.90
C GLY B 327 4.63 42.30 5.86
N ASP B 328 4.30 41.11 5.38
CA ASP B 328 5.13 40.48 4.38
C ASP B 328 6.48 40.00 4.94
N SER B 329 7.21 40.88 5.62
CA SER B 329 8.42 40.43 6.26
C SER B 329 8.68 41.23 7.53
N ASN B 330 9.21 40.54 8.50
CA ASN B 330 9.64 41.12 9.72
C ASN B 330 10.52 40.06 10.27
N TRP B 331 11.60 40.38 10.94
CA TRP B 331 12.43 39.28 11.33
C TRP B 331 11.70 38.38 12.25
N PHE B 332 11.00 38.96 13.21
CA PHE B 332 10.38 38.14 14.22
C PHE B 332 9.31 37.24 13.69
N GLU B 333 8.41 37.81 12.92
CA GLU B 333 7.34 37.02 12.31
C GLU B 333 7.90 36.07 11.24
N GLY B 334 9.17 36.27 10.89
CA GLY B 334 9.90 35.33 10.04
C GLY B 334 10.41 34.18 10.88
N ALA B 335 10.86 34.51 12.09
CA ALA B 335 11.31 33.51 13.06
C ALA B 335 10.13 32.69 13.59
N THR B 336 8.98 33.35 13.71
CA THR B 336 7.73 32.70 14.10
C THR B 336 7.44 31.44 13.26
N LEU B 337 7.45 31.61 11.93
CA LEU B 337 7.22 30.51 11.00
C LEU B 337 8.33 29.46 11.09
N LEU B 338 9.55 29.95 11.30
CA LEU B 338 10.72 29.10 11.45
C LEU B 338 10.62 28.29 12.73
N ALA B 339 10.18 28.93 13.80
CA ALA B 339 9.95 28.28 15.08
C ALA B 339 8.93 27.16 14.96
N ALA B 340 7.82 27.44 14.26
CA ALA B 340 6.83 26.42 13.94
C ALA B 340 7.43 25.26 13.17
N TYR B 341 8.28 25.57 12.19
CA TYR B 341 8.92 24.54 11.36
C TYR B 341 9.86 23.65 12.15
N VAL B 342 10.64 24.22 13.06
CA VAL B 342 11.58 23.40 13.85
C VAL B 342 10.84 22.49 14.83
N ILE B 343 9.73 22.98 15.39
CA ILE B 343 8.85 22.17 16.23
C ILE B 343 8.29 20.99 15.43
N MET B 344 7.71 21.27 14.26
CA MET B 344 7.20 20.22 13.37
C MET B 344 8.29 19.23 12.98
N ALA B 345 9.44 19.78 12.57
CA ALA B 345 10.59 18.98 12.12
C ALA B 345 11.11 18.01 13.16
N ILE B 346 11.31 18.49 14.39
CA ILE B 346 11.75 17.59 15.46
C ILE B 346 10.62 16.65 15.88
N GLY B 347 9.39 17.17 15.87
CA GLY B 347 8.20 16.38 16.12
C GLY B 347 8.06 15.18 15.21
N PHE B 348 8.29 15.38 13.91
CA PHE B 348 8.27 14.28 12.94
C PHE B 348 9.39 13.27 13.20
N PHE B 349 10.58 13.77 13.50
CA PHE B 349 11.73 12.92 13.84
C PHE B 349 11.42 12.06 15.06
N LEU B 350 10.99 12.72 16.14
CA LEU B 350 10.58 12.06 17.37
C LEU B 350 9.41 11.09 17.20
N LEU B 351 8.43 11.48 16.39
CA LEU B 351 7.27 10.63 16.09
C LEU B 351 7.71 9.19 15.84
#